data_3WEM
#
_entry.id   3WEM
#
_cell.length_a   97.443
_cell.length_b   139.377
_cell.length_c   149.365
_cell.angle_alpha   90.000
_cell.angle_beta   90.000
_cell.angle_gamma   90.000
#
_symmetry.space_group_name_H-M   'I 2 2 2'
#
loop_
_entity.id
_entity.type
_entity.pdbx_description
1 polymer Alpha-glucosidase
2 branched alpha-L-fucopyranose-(1-3)-[2-acetamido-2-deoxy-beta-D-glucopyranose-(1-4)]2-acetamido-2-deoxy-beta-D-glucopyranose
3 branched 4,6-dideoxy-4-{[(1S,4R,5S,6S)-4,5,6-trihydroxy-3-(hydroxymethyl)cyclohex-2-en-1-yl]amino}-alpha-D-glucopyranose-(1-4)-alpha-D-glucopyranose-(1-4)-alpha-D-glucopyranose-(1-4)-alpha-D-glucopyranose-(1-4)-alpha-D-glucopyranose
4 non-polymer 2-acetamido-2-deoxy-beta-D-glucopyranose
5 non-polymer 'SULFATE ION'
6 water water
#
_entity_poly.entity_id   1
_entity_poly.type   'polypeptide(L)'
_entity_poly.pdbx_seq_one_letter_code
;MERSKLPRYICATLAVVLPLVLCMVVEGATTSKNDNQGEAIGYGYQVKNAKVDNSTGKSLTALLQLIRNSPVYGPDIQFL
SFTASFEEDDTLRIRITDANNRRWEIPNEVLPRPPPPPSPPPLSSLQHLPKPIPQNQPTTTVLSHPHSDLVFTLFHTTPF
GFTIYRKSTHDVLFDATPIPSNPTTFLIYKDQYLQLSSSLPAQQAHLYGLGEHTKPTFQLAHNQILTLWNADIASFNRDL
NLYGSHPFYMDVRSSPMVGSTHGVFLLNSNGMDVEYTGDRITYKVIGGIIDLYIFAGRTPEMVLDQYTKLIGRPAPMPYW
AFGFHQCRWGYRDVNEIETVVDKYAEARIPLEVMWTDIDYMDAFKDFTLDPVHFPLDKMQQFVTKLHRNGQRYVPILDPG
INTNKSYGTFIRGMQSNVFIKRDGNPYLGSVWPGPVYYPDFLDPAARSFWVDEIKRFRDILPIDGIWIDMNEASNFITSA
PTPGSTLDNPPYKINNSGGRVPINSKTIPATAMHYGNVTEYNAHNLYGFLESQATREALVRTSNERPFLLSRSTFAGSGK
YTAHWTGDNAARWDDLQYSIPTMLNFGLFGMPMIGADICGFAESTTEELCRRWIQLGAFYPFSRDHSARDTTHQELYLWE
SVAASARTVLGLRYQLLPYYYTLMYDANLRGIPIARPLFFTFPDDVATYGISSQFLIGRGIMVSPVLQPGAVSVNAYFPR
GNWFSLFNYTSSVSVSAGTYVSLSAPPDHINVHIHEGNIVAMQGEAMTTQAARSTPFHLLVVMSDHVASTGELFLDNGIE
MDIGGPGGKWTLVRFFAESGINNLTISSEVVNRGYAMSQRWVMDKITILGLKRRVRIKEYTVQKDAGAIKIKGLGLRTSS
HNQGGFVVSVISDLRQLVGQAFKLELEFEGATR
;
_entity_poly.pdbx_strand_id   A
#
# COMPACT_ATOMS: atom_id res chain seq x y z
N ALA A 40 -23.57 32.38 -6.60
CA ALA A 40 -23.14 31.33 -5.68
C ALA A 40 -21.62 31.22 -5.63
N ILE A 41 -21.15 29.98 -5.56
CA ILE A 41 -19.72 29.66 -5.46
C ILE A 41 -18.85 30.04 -6.66
N GLY A 42 -19.39 29.96 -7.87
CA GLY A 42 -18.61 30.33 -9.03
C GLY A 42 -19.45 30.21 -10.27
N TYR A 43 -18.94 30.73 -11.38
CA TYR A 43 -19.74 30.75 -12.59
C TYR A 43 -19.10 29.90 -13.69
N GLY A 44 -17.87 29.45 -13.48
CA GLY A 44 -17.22 28.55 -14.40
C GLY A 44 -16.54 29.18 -15.61
N TYR A 45 -16.18 28.34 -16.57
CA TYR A 45 -15.31 28.74 -17.67
C TYR A 45 -15.92 28.41 -19.03
N GLN A 46 -15.54 29.19 -20.03
CA GLN A 46 -15.87 28.90 -21.42
C GLN A 46 -14.62 28.57 -22.22
N VAL A 47 -14.77 27.77 -23.26
CA VAL A 47 -13.64 27.47 -24.13
C VAL A 47 -13.46 28.69 -25.03
N LYS A 48 -12.30 29.32 -24.97
CA LYS A 48 -12.04 30.48 -25.82
C LYS A 48 -11.40 30.00 -27.12
N ASN A 49 -10.51 29.02 -27.02
CA ASN A 49 -9.99 28.34 -28.19
C ASN A 49 -9.55 26.93 -27.82
N ALA A 50 -9.50 26.06 -28.83
CA ALA A 50 -9.11 24.67 -28.64
C ALA A 50 -8.66 24.04 -29.94
N LYS A 51 -7.59 23.27 -29.89
CA LYS A 51 -7.16 22.54 -31.06
C LYS A 51 -6.36 21.31 -30.72
N VAL A 52 -6.44 20.31 -31.60
CA VAL A 52 -5.65 19.12 -31.39
C VAL A 52 -4.42 19.38 -32.22
N ASP A 53 -3.22 19.19 -31.70
CA ASP A 53 -2.11 19.40 -32.60
C ASP A 53 -2.31 18.27 -33.61
N ASN A 54 -2.06 18.49 -34.90
CA ASN A 54 -1.94 17.41 -35.87
C ASN A 54 -0.56 16.97 -36.32
N SER A 55 -0.51 15.91 -37.14
CA SER A 55 0.73 15.51 -37.79
C SER A 55 1.81 15.18 -36.78
N THR A 56 1.38 14.75 -35.61
CA THR A 56 2.26 14.12 -34.62
C THR A 56 1.40 13.44 -33.57
N GLY A 57 2.03 12.74 -32.62
CA GLY A 57 1.24 12.23 -31.52
C GLY A 57 0.33 13.24 -30.88
N LYS A 58 -0.94 13.02 -31.14
CA LYS A 58 -2.00 13.95 -30.83
C LYS A 58 -1.93 14.40 -29.38
N SER A 59 -2.10 15.70 -29.13
CA SER A 59 -2.47 16.19 -27.82
C SER A 59 -3.50 17.27 -28.04
N LEU A 60 -4.27 17.62 -27.03
CA LEU A 60 -5.29 18.63 -27.20
C LEU A 60 -4.85 19.81 -26.34
N THR A 61 -4.92 21.02 -26.89
CA THR A 61 -4.64 22.21 -26.09
C THR A 61 -5.82 23.17 -26.15
N ALA A 62 -6.20 23.72 -25.01
CA ALA A 62 -7.29 24.68 -24.97
C ALA A 62 -7.01 25.82 -24.01
N LEU A 63 -7.57 26.99 -24.33
CA LEU A 63 -7.59 28.13 -23.43
C LEU A 63 -9.01 28.33 -22.90
N LEU A 64 -9.14 28.44 -21.59
CA LEU A 64 -10.43 28.68 -20.97
C LEU A 64 -10.50 30.09 -20.36
N GLN A 65 -11.68 30.69 -20.45
CA GLN A 65 -11.90 32.00 -19.88
C GLN A 65 -13.03 32.03 -18.86
N LEU A 66 -12.77 32.69 -17.73
CA LEU A 66 -13.74 32.87 -16.68
C LEU A 66 -15.00 33.53 -17.23
N ILE A 67 -16.16 32.95 -16.93
CA ILE A 67 -17.42 33.51 -17.38
C ILE A 67 -17.72 34.81 -16.63
N ARG A 68 -17.53 34.79 -15.31
CA ARG A 68 -17.86 35.94 -14.48
C ARG A 68 -17.17 35.75 -13.13
N ASN A 69 -16.73 36.83 -12.49
CA ASN A 69 -16.05 36.65 -11.22
C ASN A 69 -17.02 36.47 -10.08
N SER A 70 -16.54 35.81 -9.03
CA SER A 70 -17.27 35.71 -7.78
C SER A 70 -16.30 35.89 -6.63
N PRO A 71 -16.74 36.58 -5.57
CA PRO A 71 -15.92 36.78 -4.35
C PRO A 71 -15.74 35.57 -3.43
N VAL A 72 -16.61 34.56 -3.53
CA VAL A 72 -16.61 33.44 -2.59
C VAL A 72 -15.36 32.57 -2.65
N TYR A 73 -14.73 32.31 -1.50
CA TYR A 73 -13.52 31.49 -1.40
C TYR A 73 -12.38 32.13 -2.19
N GLY A 74 -12.52 33.42 -2.46
CA GLY A 74 -11.42 34.22 -2.97
C GLY A 74 -11.48 34.39 -4.47
N PRO A 75 -10.46 35.05 -5.03
CA PRO A 75 -10.36 35.49 -6.43
C PRO A 75 -10.31 34.32 -7.41
N ASP A 76 -11.16 34.37 -8.44
CA ASP A 76 -11.10 33.42 -9.53
C ASP A 76 -9.88 33.66 -10.38
N ILE A 77 -9.32 32.57 -10.91
CA ILE A 77 -8.25 32.66 -11.89
C ILE A 77 -8.92 32.91 -13.23
N GLN A 78 -8.51 33.98 -13.89
CA GLN A 78 -9.20 34.48 -15.09
C GLN A 78 -9.06 33.58 -16.30
N PHE A 79 -7.85 33.08 -16.53
CA PHE A 79 -7.56 32.26 -17.69
C PHE A 79 -6.91 30.93 -17.33
N LEU A 80 -7.46 29.84 -17.87
CA LEU A 80 -6.90 28.53 -17.63
C LEU A 80 -6.34 27.95 -18.91
N SER A 81 -5.16 27.36 -18.78
CA SER A 81 -4.61 26.52 -19.82
C SER A 81 -5.11 25.09 -19.59
N PHE A 82 -5.59 24.44 -20.65
CA PHE A 82 -6.18 23.12 -20.52
C PHE A 82 -5.57 22.18 -21.57
N THR A 83 -4.94 21.09 -21.11
CA THR A 83 -4.41 20.10 -22.04
C THR A 83 -4.90 18.68 -21.76
N ALA A 84 -5.12 17.93 -22.84
CA ALA A 84 -5.37 16.49 -22.77
C ALA A 84 -4.35 15.76 -23.62
N SER A 85 -3.73 14.72 -23.06
CA SER A 85 -2.70 14.01 -23.79
C SER A 85 -2.59 12.54 -23.36
N PHE A 86 -2.19 11.69 -24.29
CA PHE A 86 -1.98 10.28 -24.01
C PHE A 86 -0.53 10.03 -23.60
N GLU A 87 -0.30 9.68 -22.34
CA GLU A 87 1.03 9.32 -21.90
C GLU A 87 1.39 7.94 -22.43
N GLU A 88 0.40 7.05 -22.39
CA GLU A 88 0.52 5.75 -23.02
C GLU A 88 -0.84 5.51 -23.68
N ASP A 89 -0.97 4.47 -24.51
CA ASP A 89 -2.26 4.15 -25.11
C ASP A 89 -3.31 3.96 -24.01
N ASP A 90 -2.86 3.51 -22.85
CA ASP A 90 -3.78 3.18 -21.75
C ASP A 90 -3.85 4.25 -20.66
N THR A 91 -3.24 5.41 -20.91
CA THR A 91 -3.20 6.47 -19.90
C THR A 91 -3.46 7.84 -20.51
N LEU A 92 -4.54 8.48 -20.07
CA LEU A 92 -4.88 9.83 -20.51
C LEU A 92 -4.58 10.86 -19.42
N ARG A 93 -3.97 11.97 -19.78
CA ARG A 93 -3.64 13.00 -18.81
C ARG A 93 -4.38 14.31 -19.11
N ILE A 94 -5.05 14.83 -18.09
CA ILE A 94 -5.77 16.10 -18.22
C ILE A 94 -5.18 17.10 -17.23
N ARG A 95 -4.55 18.14 -17.77
CA ARG A 95 -3.85 19.09 -16.93
C ARG A 95 -4.45 20.48 -17.08
N ILE A 96 -4.86 21.07 -15.96
CA ILE A 96 -5.48 22.40 -15.95
C ILE A 96 -4.71 23.34 -15.04
N THR A 97 -4.11 24.35 -15.63
CA THR A 97 -3.23 25.27 -14.92
C THR A 97 -3.65 26.71 -15.16
N ASP A 98 -3.16 27.62 -14.34
CA ASP A 98 -3.31 29.05 -14.60
C ASP A 98 -2.50 29.43 -15.83
N ALA A 99 -3.18 29.92 -16.86
CA ALA A 99 -2.54 30.29 -18.12
C ALA A 99 -1.47 31.38 -17.91
N ASN A 100 -1.65 32.14 -16.83
CA ASN A 100 -0.87 33.33 -16.54
C ASN A 100 0.12 33.24 -15.37
N ASN A 101 0.15 32.11 -14.66
CA ASN A 101 1.06 32.02 -13.54
C ASN A 101 1.49 30.56 -13.31
N ARG A 102 2.75 30.35 -12.94
CA ARG A 102 3.17 29.04 -12.51
C ARG A 102 2.47 28.77 -11.18
N ARG A 103 1.98 27.56 -10.97
CA ARG A 103 1.41 27.20 -9.67
C ARG A 103 2.16 26.03 -9.09
N TRP A 104 1.93 25.78 -7.80
CA TRP A 104 2.56 24.65 -7.14
C TRP A 104 2.21 23.32 -7.83
N GLU A 105 3.23 22.53 -8.09
CA GLU A 105 3.05 21.16 -8.57
C GLU A 105 4.05 20.32 -7.82
N ILE A 106 3.72 19.06 -7.61
CA ILE A 106 4.65 18.16 -6.93
C ILE A 106 5.91 18.12 -7.79
N PRO A 107 7.07 18.41 -7.18
CA PRO A 107 8.30 18.49 -7.97
C PRO A 107 8.62 17.19 -8.70
N ASN A 108 9.18 17.33 -9.90
CA ASN A 108 9.58 16.17 -10.68
C ASN A 108 10.62 15.34 -9.95
N GLU A 109 11.47 16.01 -9.18
CA GLU A 109 12.50 15.30 -8.42
C GLU A 109 11.89 14.39 -7.36
N VAL A 110 10.71 14.76 -6.87
CA VAL A 110 10.04 13.97 -5.84
C VAL A 110 9.27 12.82 -6.48
N LEU A 111 8.61 13.12 -7.60
CA LEU A 111 7.77 12.15 -8.28
C LEU A 111 7.95 12.30 -9.81
N PRO A 112 9.00 11.66 -10.38
CA PRO A 112 9.34 11.87 -11.80
C PRO A 112 8.31 11.30 -12.78
N ARG A 113 8.02 12.06 -13.83
CA ARG A 113 6.94 11.76 -14.76
C ARG A 113 7.11 12.53 -16.06
N PRO A 114 6.45 12.08 -17.15
CA PRO A 114 6.56 12.82 -18.40
C PRO A 114 6.15 14.28 -18.28
N PRO A 115 6.87 15.20 -18.94
CA PRO A 115 6.49 16.61 -18.83
C PRO A 115 5.20 16.93 -19.59
N PRO A 116 4.57 18.08 -19.28
CA PRO A 116 3.35 18.40 -20.02
C PRO A 116 3.48 18.68 -21.52
N PRO A 117 2.38 18.49 -22.28
CA PRO A 117 2.18 18.84 -23.68
C PRO A 117 2.18 20.36 -23.86
N PRO A 118 2.68 20.94 -24.98
CA PRO A 118 2.66 22.40 -25.13
C PRO A 118 1.32 23.03 -24.60
N SER A 119 1.28 24.33 -24.33
CA SER A 119 0.01 24.98 -23.93
C SER A 119 -0.65 25.71 -25.13
N PRO A 120 -1.92 26.19 -25.00
CA PRO A 120 -2.56 26.84 -26.17
C PRO A 120 -1.98 28.20 -26.49
N PRO A 121 -2.29 28.73 -27.70
CA PRO A 121 -1.90 30.10 -28.06
C PRO A 121 -2.74 31.16 -27.35
N PRO A 122 -2.29 32.43 -27.37
CA PRO A 122 -3.12 33.52 -26.85
C PRO A 122 -4.40 33.69 -27.67
N GLN A 137 -26.78 21.92 -31.91
CA GLN A 137 -25.96 21.26 -30.89
C GLN A 137 -24.68 22.07 -30.60
N PRO A 138 -24.07 21.89 -29.42
CA PRO A 138 -22.83 22.64 -29.19
C PRO A 138 -21.58 22.05 -29.86
N THR A 139 -20.54 22.86 -29.96
CA THR A 139 -19.24 22.49 -30.52
C THR A 139 -18.39 21.60 -29.62
N THR A 140 -17.70 20.63 -30.22
CA THR A 140 -16.77 19.81 -29.48
C THR A 140 -15.43 19.65 -30.16
N THR A 141 -14.43 19.34 -29.34
CA THR A 141 -13.10 18.98 -29.83
C THR A 141 -12.76 17.61 -29.27
N VAL A 142 -12.52 16.66 -30.15
CA VAL A 142 -12.28 15.29 -29.73
C VAL A 142 -10.81 14.89 -29.87
N LEU A 143 -10.28 14.24 -28.84
CA LEU A 143 -8.94 13.67 -28.91
C LEU A 143 -9.00 12.14 -28.75
N SER A 144 -8.55 11.42 -29.78
CA SER A 144 -8.46 9.97 -29.74
C SER A 144 -7.21 9.42 -30.44
N HIS A 145 -6.77 8.23 -30.01
CA HIS A 145 -5.64 7.56 -30.65
C HIS A 145 -6.15 6.18 -31.09
N PRO A 146 -5.69 5.70 -32.27
CA PRO A 146 -6.12 4.40 -32.80
C PRO A 146 -5.88 3.18 -31.90
N HIS A 147 -4.81 3.19 -31.11
CA HIS A 147 -4.46 2.07 -30.23
C HIS A 147 -4.91 2.30 -28.80
N SER A 148 -5.69 3.35 -28.58
CA SER A 148 -6.17 3.67 -27.25
C SER A 148 -7.67 3.37 -27.25
N ASP A 149 -8.14 2.80 -26.16
CA ASP A 149 -9.55 2.55 -25.96
C ASP A 149 -10.29 3.80 -25.45
N LEU A 150 -9.51 4.73 -24.89
CA LEU A 150 -10.02 5.96 -24.26
C LEU A 150 -10.22 7.13 -25.25
N VAL A 151 -11.42 7.72 -25.27
CA VAL A 151 -11.72 8.88 -26.11
C VAL A 151 -12.02 10.13 -25.27
N PHE A 152 -11.32 11.23 -25.52
CA PHE A 152 -11.53 12.46 -24.77
C PHE A 152 -12.32 13.46 -25.62
N THR A 153 -13.30 14.11 -25.01
CA THR A 153 -14.08 15.13 -25.70
C THR A 153 -14.19 16.40 -24.87
N LEU A 154 -13.94 17.53 -25.54
CA LEU A 154 -14.13 18.85 -24.94
C LEU A 154 -15.42 19.48 -25.47
N PHE A 155 -16.32 19.82 -24.55
CA PHE A 155 -17.62 20.38 -24.92
C PHE A 155 -17.62 21.91 -24.76
N HIS A 156 -17.93 22.61 -25.84
CA HIS A 156 -17.89 24.07 -25.85
C HIS A 156 -19.20 24.67 -25.37
N THR A 157 -19.65 24.18 -24.22
CA THR A 157 -20.86 24.64 -23.57
C THR A 157 -20.55 25.79 -22.60
N THR A 158 -21.59 26.37 -22.01
CA THR A 158 -21.44 27.46 -21.05
C THR A 158 -22.13 27.16 -19.72
N PRO A 159 -21.36 26.75 -18.70
CA PRO A 159 -19.90 26.56 -18.66
C PRO A 159 -19.49 25.30 -19.41
N PHE A 160 -18.19 25.19 -19.71
CA PHE A 160 -17.73 24.10 -20.55
C PHE A 160 -17.73 22.77 -19.79
N GLY A 161 -17.54 21.68 -20.53
CA GLY A 161 -17.43 20.37 -19.92
C GLY A 161 -16.46 19.50 -20.69
N PHE A 162 -16.13 18.36 -20.12
CA PHE A 162 -15.37 17.35 -20.84
C PHE A 162 -15.73 15.96 -20.35
N THR A 163 -15.51 14.96 -21.20
CA THR A 163 -15.73 13.57 -20.84
C THR A 163 -14.63 12.68 -21.36
N ILE A 164 -14.55 11.48 -20.78
CA ILE A 164 -13.69 10.42 -21.25
C ILE A 164 -14.53 9.17 -21.30
N TYR A 165 -14.62 8.55 -22.47
CA TYR A 165 -15.41 7.33 -22.55
C TYR A 165 -14.61 6.24 -23.26
N ARG A 166 -15.08 5.02 -23.08
CA ARG A 166 -14.49 3.83 -23.68
C ARG A 166 -14.92 3.48 -25.11
N LYS A 167 -13.94 3.36 -26.02
CA LYS A 167 -14.19 2.92 -27.39
C LYS A 167 -14.91 1.57 -27.47
N SER A 168 -14.56 0.66 -26.57
CA SER A 168 -15.09 -0.70 -26.64
C SER A 168 -16.58 -0.68 -26.32
N THR A 169 -17.00 -0.04 -25.23
CA THR A 169 -18.40 -0.12 -24.84
C THR A 169 -19.16 1.21 -25.03
N HIS A 170 -18.42 2.27 -25.39
CA HIS A 170 -18.95 3.64 -25.51
C HIS A 170 -19.43 4.16 -24.15
N ASP A 171 -19.09 3.41 -23.10
CA ASP A 171 -19.36 3.76 -21.71
C ASP A 171 -18.56 4.95 -21.22
N VAL A 172 -19.22 5.91 -20.61
CA VAL A 172 -18.53 7.08 -20.08
C VAL A 172 -17.95 6.79 -18.69
N LEU A 173 -16.65 7.00 -18.58
CA LEU A 173 -15.86 6.66 -17.39
C LEU A 173 -15.78 7.86 -16.45
N PHE A 174 -15.58 9.03 -17.04
CA PHE A 174 -15.44 10.27 -16.28
C PHE A 174 -16.20 11.36 -17.04
N ASP A 175 -17.16 11.98 -16.36
CA ASP A 175 -18.06 12.92 -17.02
C ASP A 175 -18.12 14.27 -16.30
N ALA A 176 -17.33 15.24 -16.76
CA ALA A 176 -17.36 16.55 -16.10
C ALA A 176 -18.21 17.57 -16.86
N THR A 177 -19.31 17.12 -17.47
CA THR A 177 -20.31 18.00 -18.04
C THR A 177 -21.14 18.64 -16.92
N PRO A 178 -21.16 19.97 -16.85
CA PRO A 178 -21.97 20.60 -15.80
C PRO A 178 -23.47 20.52 -16.02
N ILE A 179 -24.21 20.51 -14.93
CA ILE A 179 -25.62 20.84 -14.95
C ILE A 179 -25.65 22.36 -14.82
N PRO A 180 -26.08 23.06 -15.87
CA PRO A 180 -25.94 24.52 -15.96
C PRO A 180 -26.53 25.28 -14.78
N SER A 181 -27.58 24.74 -14.18
CA SER A 181 -28.27 25.42 -13.09
C SER A 181 -27.62 25.16 -11.73
N ASN A 182 -26.53 24.38 -11.72
CA ASN A 182 -26.00 23.81 -10.48
C ASN A 182 -24.48 23.99 -10.42
N PRO A 183 -24.02 25.07 -9.77
CA PRO A 183 -22.58 25.38 -9.72
C PRO A 183 -21.73 24.31 -9.01
N THR A 184 -22.36 23.42 -8.25
CA THR A 184 -21.61 22.35 -7.58
C THR A 184 -21.06 21.33 -8.58
N THR A 185 -21.53 21.41 -9.82
CA THR A 185 -21.12 20.48 -10.86
C THR A 185 -20.12 21.15 -11.79
N PHE A 186 -19.83 22.42 -11.53
CA PHE A 186 -18.90 23.18 -12.38
C PHE A 186 -17.44 22.86 -12.04
N LEU A 187 -16.56 23.12 -12.99
CA LEU A 187 -15.14 23.34 -12.71
C LEU A 187 -14.97 24.75 -12.15
N ILE A 188 -14.48 24.83 -10.93
CA ILE A 188 -14.15 26.12 -10.32
C ILE A 188 -12.67 26.14 -9.99
N TYR A 189 -12.03 27.28 -10.18
CA TYR A 189 -10.57 27.31 -10.09
C TYR A 189 -10.12 28.61 -9.45
N LYS A 190 -10.08 28.61 -8.12
CA LYS A 190 -9.63 29.76 -7.34
C LYS A 190 -8.29 29.41 -6.71
N ASP A 191 -7.53 30.42 -6.30
CA ASP A 191 -6.17 30.20 -5.79
C ASP A 191 -6.13 29.12 -4.70
N GLN A 192 -7.12 29.13 -3.81
CA GLN A 192 -7.20 28.16 -2.71
C GLN A 192 -8.49 27.35 -2.73
N TYR A 193 -9.08 27.19 -3.91
CA TYR A 193 -10.27 26.36 -4.05
C TYR A 193 -10.41 25.84 -5.47
N LEU A 194 -10.07 24.58 -5.67
CA LEU A 194 -10.30 23.91 -6.95
C LEU A 194 -11.45 22.93 -6.81
N GLN A 195 -12.41 23.01 -7.72
CA GLN A 195 -13.55 22.12 -7.71
C GLN A 195 -13.65 21.38 -9.04
N LEU A 196 -13.67 20.05 -8.96
CA LEU A 196 -13.78 19.21 -10.14
C LEU A 196 -14.77 18.09 -9.85
N SER A 197 -15.75 17.93 -10.72
CA SER A 197 -16.84 17.01 -10.46
C SER A 197 -17.10 16.08 -11.65
N SER A 198 -17.39 14.82 -11.34
CA SER A 198 -17.85 13.87 -12.35
C SER A 198 -19.14 13.19 -11.89
N SER A 199 -20.10 13.04 -12.80
CA SER A 199 -21.24 12.18 -12.53
C SER A 199 -20.83 10.72 -12.61
N LEU A 200 -21.63 9.86 -12.00
CA LEU A 200 -21.38 8.43 -12.02
C LEU A 200 -22.67 7.65 -12.15
N PRO A 201 -22.61 6.48 -12.79
CA PRO A 201 -23.81 5.65 -12.79
C PRO A 201 -23.85 5.03 -11.41
N ALA A 202 -24.79 5.50 -10.60
CA ALA A 202 -24.76 5.20 -9.17
C ALA A 202 -24.73 3.72 -8.81
N GLN A 203 -25.52 2.92 -9.51
CA GLN A 203 -25.59 1.51 -9.21
C GLN A 203 -24.47 0.67 -9.84
N GLN A 204 -23.91 1.16 -10.94
CA GLN A 204 -23.01 0.36 -11.76
C GLN A 204 -21.56 0.60 -11.37
N ALA A 205 -21.28 1.79 -10.86
CA ALA A 205 -19.92 2.16 -10.50
C ALA A 205 -19.62 1.78 -9.06
N HIS A 206 -18.60 0.95 -8.90
CA HIS A 206 -18.15 0.50 -7.59
C HIS A 206 -16.76 1.09 -7.35
N LEU A 207 -16.65 1.96 -6.36
CA LEU A 207 -15.41 2.72 -6.16
C LEU A 207 -14.61 2.26 -4.94
N TYR A 208 -13.29 2.36 -5.07
CA TYR A 208 -12.37 1.93 -4.03
C TYR A 208 -11.20 2.89 -3.95
N GLY A 209 -10.79 3.26 -2.74
CA GLY A 209 -9.55 3.99 -2.56
C GLY A 209 -9.67 5.27 -1.74
N LEU A 210 -9.04 6.33 -2.25
CA LEU A 210 -9.08 7.65 -1.62
C LEU A 210 -8.69 7.58 -0.13
N GLY A 211 -7.51 7.04 0.13
CA GLY A 211 -7.04 6.82 1.49
C GLY A 211 -6.42 8.09 2.03
N GLU A 212 -6.11 8.11 3.32
CA GLU A 212 -6.19 6.95 4.20
C GLU A 212 -7.33 7.12 5.21
N HIS A 213 -8.19 6.11 5.26
CA HIS A 213 -9.35 6.12 6.16
C HIS A 213 -9.72 4.71 6.62
N THR A 214 -10.06 4.61 7.90
CA THR A 214 -10.63 3.38 8.44
C THR A 214 -12.11 3.33 8.08
N LYS A 215 -12.54 2.22 7.49
CA LYS A 215 -13.93 2.03 7.10
C LYS A 215 -14.33 0.58 7.34
N PRO A 216 -15.61 0.33 7.60
CA PRO A 216 -16.03 -1.06 7.75
C PRO A 216 -16.14 -1.81 6.42
N THR A 217 -16.22 -1.07 5.32
CA THR A 217 -16.29 -1.69 4.00
C THR A 217 -15.11 -1.31 3.13
N PHE A 218 -14.78 -2.17 2.19
CA PHE A 218 -13.73 -1.89 1.22
C PHE A 218 -14.29 -0.99 0.13
N GLN A 219 -15.34 -1.45 -0.54
CA GLN A 219 -16.09 -0.57 -1.45
C GLN A 219 -16.60 0.67 -0.71
N LEU A 220 -16.37 1.84 -1.30
CA LEU A 220 -16.77 3.10 -0.68
C LEU A 220 -18.29 3.25 -0.58
N ALA A 221 -18.78 3.50 0.63
CA ALA A 221 -20.20 3.79 0.86
C ALA A 221 -20.62 5.09 0.15
N HIS A 222 -21.86 5.11 -0.32
CA HIS A 222 -22.45 6.34 -0.86
C HIS A 222 -22.69 7.39 0.21
N ASN A 223 -22.57 8.65 -0.18
CA ASN A 223 -22.95 9.80 0.64
C ASN A 223 -21.98 10.00 1.81
N GLN A 224 -20.75 10.37 1.47
CA GLN A 224 -19.74 10.61 2.48
C GLN A 224 -18.72 11.63 1.97
N ILE A 225 -17.96 12.18 2.91
CA ILE A 225 -16.84 13.06 2.56
C ILE A 225 -15.54 12.46 3.06
N LEU A 226 -14.59 12.34 2.13
CA LEU A 226 -13.28 11.79 2.43
C LEU A 226 -12.25 12.90 2.39
N THR A 227 -11.57 13.11 3.52
CA THR A 227 -10.60 14.18 3.63
C THR A 227 -9.19 13.63 3.54
N LEU A 228 -8.36 14.27 2.73
CA LEU A 228 -6.97 13.85 2.58
C LEU A 228 -6.12 14.97 3.13
N TRP A 229 -5.56 14.73 4.31
CA TRP A 229 -4.68 15.68 4.98
C TRP A 229 -3.95 14.92 6.06
N ASN A 230 -2.67 14.66 5.82
CA ASN A 230 -1.91 13.79 6.69
C ASN A 230 -1.96 14.32 8.10
N ALA A 231 -2.33 13.46 9.05
CA ALA A 231 -2.61 13.89 10.40
C ALA A 231 -2.31 12.75 11.37
N ASP A 232 -1.85 13.11 12.56
CA ASP A 232 -1.60 12.12 13.59
C ASP A 232 -2.93 11.80 14.26
N ILE A 233 -3.70 10.96 13.59
CA ILE A 233 -5.03 10.55 14.05
C ILE A 233 -5.10 9.03 14.01
N ALA A 234 -5.58 8.44 15.10
CA ALA A 234 -5.52 6.99 15.27
C ALA A 234 -6.47 6.28 14.32
N SER A 235 -6.00 5.17 13.74
CA SER A 235 -6.82 4.41 12.81
C SER A 235 -7.94 3.62 13.47
N PHE A 236 -7.99 3.58 14.81
CA PHE A 236 -9.20 3.07 15.46
C PHE A 236 -10.39 4.01 15.28
N ASN A 237 -10.13 5.25 14.82
CA ASN A 237 -11.20 6.17 14.45
C ASN A 237 -11.69 5.92 13.02
N ARG A 238 -12.97 5.59 12.87
CA ARG A 238 -13.56 5.50 11.54
C ARG A 238 -13.59 6.86 10.85
N ASP A 239 -13.49 6.84 9.52
CA ASP A 239 -13.82 7.98 8.65
C ASP A 239 -12.77 9.08 8.59
N LEU A 240 -12.16 9.40 9.73
CA LEU A 240 -11.30 10.58 9.79
C LEU A 240 -10.08 10.43 8.87
N ASN A 241 -9.55 11.56 8.42
CA ASN A 241 -8.28 11.55 7.70
C ASN A 241 -7.16 11.03 8.60
N LEU A 242 -6.36 10.12 8.07
CA LEU A 242 -5.28 9.52 8.86
C LEU A 242 -3.91 9.97 8.38
N TYR A 243 -2.93 9.07 8.47
CA TYR A 243 -1.53 9.45 8.38
C TYR A 243 -1.11 9.74 6.94
N GLY A 244 -1.89 9.24 5.99
CA GLY A 244 -1.51 9.28 4.59
C GLY A 244 -2.57 9.83 3.66
N SER A 245 -2.15 10.16 2.45
CA SER A 245 -3.06 10.76 1.48
C SER A 245 -2.80 10.12 0.13
N HIS A 246 -3.85 9.50 -0.41
CA HIS A 246 -3.74 8.75 -1.65
C HIS A 246 -4.92 9.09 -2.55
N PRO A 247 -4.78 10.15 -3.36
CA PRO A 247 -5.92 10.65 -4.15
C PRO A 247 -6.16 9.84 -5.43
N PHE A 248 -6.28 8.53 -5.24
CA PHE A 248 -6.52 7.56 -6.31
C PHE A 248 -7.80 6.80 -6.00
N TYR A 249 -8.64 6.56 -7.01
CA TYR A 249 -9.69 5.57 -6.83
C TYR A 249 -9.77 4.60 -8.02
N MET A 250 -10.18 3.37 -7.71
CA MET A 250 -10.52 2.37 -8.71
C MET A 250 -12.03 2.31 -8.87
N ASP A 251 -12.47 2.19 -10.11
CA ASP A 251 -13.89 2.17 -10.43
C ASP A 251 -14.21 0.92 -11.25
N VAL A 252 -14.88 -0.03 -10.61
CA VAL A 252 -15.27 -1.28 -11.25
C VAL A 252 -16.73 -1.24 -11.69
N ARG A 253 -16.98 -1.49 -12.97
CA ARG A 253 -18.36 -1.42 -13.45
C ARG A 253 -19.01 -2.81 -13.52
N SER A 254 -20.20 -2.90 -12.95
CA SER A 254 -21.06 -4.09 -12.94
C SER A 254 -21.87 -4.27 -14.23
N SER A 255 -21.99 -3.20 -15.01
CA SER A 255 -22.65 -3.22 -16.30
C SER A 255 -22.21 -1.95 -17.02
N PRO A 256 -22.28 -1.94 -18.37
CA PRO A 256 -22.69 -3.10 -19.20
C PRO A 256 -21.73 -4.26 -19.39
N MET A 257 -20.43 -4.02 -19.38
CA MET A 257 -19.44 -5.07 -19.57
C MET A 257 -18.82 -5.44 -18.22
N VAL A 258 -19.58 -6.16 -17.39
CA VAL A 258 -19.15 -6.54 -16.05
C VAL A 258 -17.66 -6.84 -15.91
N GLY A 259 -17.08 -6.25 -14.87
CA GLY A 259 -15.69 -6.39 -14.51
C GLY A 259 -14.82 -5.32 -15.17
N SER A 260 -15.44 -4.46 -15.97
CA SER A 260 -14.73 -3.38 -16.65
C SER A 260 -14.24 -2.31 -15.69
N THR A 261 -12.92 -2.13 -15.64
CA THR A 261 -12.31 -1.33 -14.57
C THR A 261 -11.43 -0.21 -15.13
N HIS A 262 -11.45 0.95 -14.49
CA HIS A 262 -10.51 2.02 -14.83
C HIS A 262 -10.02 2.65 -13.52
N GLY A 263 -8.99 3.49 -13.62
CA GLY A 263 -8.47 4.18 -12.47
C GLY A 263 -8.45 5.68 -12.69
N VAL A 264 -8.54 6.44 -11.60
CA VAL A 264 -8.55 7.90 -11.65
C VAL A 264 -7.66 8.44 -10.55
N PHE A 265 -6.68 9.23 -10.95
CA PHE A 265 -5.66 9.75 -10.04
C PHE A 265 -5.51 11.26 -10.21
N LEU A 266 -5.59 11.98 -9.10
CA LEU A 266 -5.34 13.42 -9.10
C LEU A 266 -3.99 13.71 -8.47
N LEU A 267 -3.02 14.09 -9.30
CA LEU A 267 -1.66 14.24 -8.80
C LEU A 267 -1.51 15.61 -8.15
N ASN A 268 -1.89 15.69 -6.87
CA ASN A 268 -1.99 16.94 -6.14
C ASN A 268 -1.75 16.64 -4.66
N SER A 269 -0.85 17.40 -4.03
CA SER A 269 -0.44 17.17 -2.64
C SER A 269 -1.14 18.09 -1.63
N ASN A 270 -2.05 18.93 -2.10
CA ASN A 270 -2.76 19.83 -1.20
C ASN A 270 -3.88 19.11 -0.45
N GLY A 271 -4.30 19.71 0.66
CA GLY A 271 -5.47 19.24 1.39
C GLY A 271 -6.69 19.22 0.50
N MET A 272 -7.55 18.23 0.69
CA MET A 272 -8.78 18.19 -0.06
C MET A 272 -9.90 17.44 0.65
N ASP A 273 -11.13 17.79 0.26
CA ASP A 273 -12.30 16.99 0.54
C ASP A 273 -12.72 16.33 -0.76
N VAL A 274 -13.12 15.08 -0.67
CA VAL A 274 -13.68 14.36 -1.80
C VAL A 274 -15.06 13.88 -1.41
N GLU A 275 -16.06 14.40 -2.11
CA GLU A 275 -17.45 14.10 -1.80
C GLU A 275 -18.00 13.05 -2.74
N TYR A 276 -18.47 11.93 -2.19
CA TYR A 276 -18.98 10.86 -3.04
C TYR A 276 -20.44 10.63 -2.68
N THR A 277 -21.33 10.86 -3.63
CA THR A 277 -22.77 10.76 -3.38
C THR A 277 -23.42 9.61 -4.12
N GLY A 278 -22.60 8.74 -4.69
CA GLY A 278 -23.11 7.63 -5.48
C GLY A 278 -23.29 7.94 -6.96
N ASP A 279 -24.05 8.99 -7.26
CA ASP A 279 -24.23 9.40 -8.65
C ASP A 279 -23.29 10.55 -9.04
N ARG A 280 -22.38 10.92 -8.14
CA ARG A 280 -21.43 11.99 -8.42
C ARG A 280 -20.24 11.90 -7.46
N ILE A 281 -19.09 12.37 -7.92
CA ILE A 281 -17.91 12.51 -7.08
C ILE A 281 -17.30 13.88 -7.35
N THR A 282 -16.94 14.59 -6.28
CA THR A 282 -16.45 15.95 -6.37
C THR A 282 -15.21 16.20 -5.52
N TYR A 283 -14.15 16.67 -6.17
CA TYR A 283 -12.94 17.11 -5.47
C TYR A 283 -13.04 18.56 -5.06
N LYS A 284 -12.63 18.84 -3.82
CA LYS A 284 -12.56 20.21 -3.37
C LYS A 284 -11.17 20.40 -2.76
N VAL A 285 -10.31 21.08 -3.52
CA VAL A 285 -8.89 21.07 -3.24
C VAL A 285 -8.46 22.50 -2.94
N ILE A 286 -7.63 22.67 -1.92
CA ILE A 286 -7.34 24.01 -1.43
C ILE A 286 -6.05 24.60 -1.98
N GLY A 287 -5.51 24.00 -3.04
CA GLY A 287 -4.40 24.59 -3.75
C GLY A 287 -3.89 23.71 -4.87
N GLY A 288 -2.75 24.08 -5.43
CA GLY A 288 -2.13 23.31 -6.49
C GLY A 288 -2.86 23.45 -7.80
N ILE A 289 -2.78 22.40 -8.62
CA ILE A 289 -3.42 22.39 -9.93
C ILE A 289 -4.24 21.13 -10.12
N ILE A 290 -4.94 21.08 -11.25
CA ILE A 290 -5.55 19.84 -11.67
C ILE A 290 -4.58 19.10 -12.57
N ASP A 291 -4.18 17.91 -12.14
CA ASP A 291 -3.33 17.04 -12.94
C ASP A 291 -3.94 15.67 -12.83
N LEU A 292 -4.81 15.35 -13.78
CA LEU A 292 -5.69 14.22 -13.65
C LEU A 292 -5.30 13.09 -14.61
N TYR A 293 -5.09 11.91 -14.07
CA TYR A 293 -4.74 10.75 -14.88
C TYR A 293 -5.86 9.70 -14.91
N ILE A 294 -6.20 9.22 -16.10
CA ILE A 294 -7.18 8.16 -16.24
C ILE A 294 -6.50 6.91 -16.78
N PHE A 295 -6.63 5.81 -16.05
CA PHE A 295 -5.98 4.56 -16.43
C PHE A 295 -7.02 3.62 -17.01
N ALA A 296 -6.77 3.18 -18.24
CA ALA A 296 -7.76 2.43 -19.04
C ALA A 296 -8.11 1.01 -18.58
N GLY A 297 -7.31 0.38 -17.73
CA GLY A 297 -7.54 -1.02 -17.43
C GLY A 297 -7.29 -1.88 -18.65
N ARG A 298 -8.22 -2.73 -19.06
CA ARG A 298 -9.60 -2.74 -18.57
C ARG A 298 -9.86 -3.69 -17.38
N THR A 299 -8.86 -4.48 -17.00
CA THR A 299 -8.98 -5.34 -15.81
C THR A 299 -8.43 -4.62 -14.58
N PRO A 300 -8.85 -5.05 -13.38
CA PRO A 300 -8.31 -4.48 -12.14
C PRO A 300 -6.78 -4.58 -12.10
N GLU A 301 -6.22 -5.72 -12.52
CA GLU A 301 -4.77 -5.88 -12.49
C GLU A 301 -4.06 -4.91 -13.43
N MET A 302 -4.67 -4.65 -14.58
CA MET A 302 -4.14 -3.70 -15.54
C MET A 302 -4.12 -2.26 -15.04
N VAL A 303 -5.17 -1.86 -14.32
CA VAL A 303 -5.23 -0.53 -13.74
C VAL A 303 -4.08 -0.22 -12.78
N LEU A 304 -3.78 -1.17 -11.91
CA LEU A 304 -2.70 -0.99 -10.95
C LEU A 304 -1.32 -1.03 -11.60
N ASP A 305 -1.20 -1.81 -12.68
CA ASP A 305 0.00 -1.79 -13.49
C ASP A 305 0.21 -0.38 -14.06
N GLN A 306 -0.85 0.16 -14.66
CA GLN A 306 -0.81 1.50 -15.26
C GLN A 306 -0.52 2.58 -14.20
N TYR A 307 -1.18 2.49 -13.06
CA TYR A 307 -1.01 3.48 -11.99
C TYR A 307 0.41 3.47 -11.39
N THR A 308 0.91 2.28 -11.04
CA THR A 308 2.25 2.18 -10.45
C THR A 308 3.35 2.46 -11.47
N LYS A 309 3.04 2.29 -12.75
CA LYS A 309 3.97 2.69 -13.80
C LYS A 309 4.23 4.18 -13.72
N LEU A 310 3.20 4.93 -13.32
CA LEU A 310 3.30 6.37 -13.15
C LEU A 310 3.98 6.76 -11.83
N ILE A 311 3.45 6.25 -10.72
CA ILE A 311 3.89 6.72 -9.40
C ILE A 311 5.11 5.97 -8.87
N GLY A 312 5.48 4.88 -9.53
CA GLY A 312 6.61 4.08 -9.09
C GLY A 312 6.24 2.66 -8.70
N ARG A 313 7.06 1.70 -9.12
CA ARG A 313 6.82 0.30 -8.79
C ARG A 313 7.11 0.07 -7.31
N PRO A 314 6.30 -0.78 -6.67
CA PRO A 314 6.52 -1.14 -5.26
C PRO A 314 7.96 -1.59 -5.04
N ALA A 315 8.60 -1.04 -4.02
CA ALA A 315 9.94 -1.48 -3.65
C ALA A 315 9.94 -2.96 -3.32
N PRO A 316 11.04 -3.65 -3.67
CA PRO A 316 11.13 -5.03 -3.20
C PRO A 316 11.43 -5.11 -1.71
N MET A 317 11.10 -6.25 -1.12
CA MET A 317 11.36 -6.52 0.29
C MET A 317 12.32 -7.68 0.47
N PRO A 318 13.16 -7.61 1.52
CA PRO A 318 14.02 -8.75 1.81
C PRO A 318 13.19 -9.94 2.30
N TYR A 319 13.72 -11.14 2.10
CA TYR A 319 12.98 -12.37 2.40
C TYR A 319 12.55 -12.38 3.87
N TRP A 320 13.44 -11.91 4.74
CA TRP A 320 13.21 -11.94 6.18
C TRP A 320 12.04 -11.06 6.62
N ALA A 321 11.68 -10.05 5.83
CA ALA A 321 10.59 -9.16 6.19
C ALA A 321 9.22 -9.84 6.18
N PHE A 322 9.16 -11.02 5.57
CA PHE A 322 7.95 -11.84 5.59
C PHE A 322 7.85 -12.78 6.80
N GLY A 323 8.90 -12.81 7.62
CA GLY A 323 8.83 -13.48 8.90
C GLY A 323 7.97 -12.73 9.90
N PHE A 324 7.74 -13.33 11.06
CA PHE A 324 6.93 -12.72 12.11
C PHE A 324 7.74 -11.67 12.89
N HIS A 325 7.11 -10.54 13.18
CA HIS A 325 7.76 -9.44 13.88
C HIS A 325 7.16 -9.22 15.27
N GLN A 326 8.01 -8.91 16.24
CA GLN A 326 7.54 -8.59 17.59
C GLN A 326 8.05 -7.22 18.02
N CYS A 327 7.13 -6.43 18.60
CA CYS A 327 7.43 -5.08 19.06
C CYS A 327 6.55 -4.70 20.23
N ARG A 328 7.01 -3.74 21.01
CA ARG A 328 6.20 -3.13 22.04
C ARG A 328 6.72 -1.76 22.44
N TRP A 329 5.81 -0.81 22.59
CA TRP A 329 6.15 0.43 23.24
C TRP A 329 6.16 0.11 24.71
N GLY A 330 7.32 0.25 25.35
CA GLY A 330 7.39 0.01 26.78
C GLY A 330 8.35 -1.06 27.26
N TYR A 331 9.01 -1.77 26.35
CA TYR A 331 10.09 -2.68 26.78
C TYR A 331 11.12 -1.86 27.56
N ARG A 332 11.49 -2.34 28.74
CA ARG A 332 12.18 -1.48 29.70
C ARG A 332 13.69 -1.44 29.51
N ASP A 333 14.26 -2.56 29.08
CA ASP A 333 15.72 -2.67 28.99
C ASP A 333 16.12 -3.85 28.10
N VAL A 334 17.43 -4.01 27.88
CA VAL A 334 17.93 -5.06 27.00
C VAL A 334 17.60 -6.44 27.52
N ASN A 335 17.59 -6.60 28.84
CA ASN A 335 17.21 -7.89 29.41
C ASN A 335 15.81 -8.35 29.04
N GLU A 336 14.86 -7.42 29.04
CA GLU A 336 13.47 -7.76 28.72
C GLU A 336 13.33 -8.25 27.27
N ILE A 337 13.94 -7.55 26.32
CA ILE A 337 13.81 -7.93 24.91
C ILE A 337 14.52 -9.27 24.65
N GLU A 338 15.61 -9.53 25.38
CA GLU A 338 16.28 -10.83 25.31
C GLU A 338 15.34 -11.91 25.81
N THR A 339 14.64 -11.61 26.90
CA THR A 339 13.71 -12.56 27.50
C THR A 339 12.54 -12.91 26.59
N VAL A 340 12.02 -11.90 25.90
CA VAL A 340 10.94 -12.09 24.93
C VAL A 340 11.36 -13.03 23.82
N VAL A 341 12.55 -12.81 23.29
CA VAL A 341 13.10 -13.64 22.23
C VAL A 341 13.26 -15.08 22.71
N ASP A 342 13.80 -15.25 23.92
CA ASP A 342 13.98 -16.58 24.50
C ASP A 342 12.64 -17.29 24.68
N LYS A 343 11.62 -16.56 25.10
CA LYS A 343 10.32 -17.17 25.38
C LYS A 343 9.61 -17.57 24.09
N TYR A 344 9.82 -16.81 23.02
CA TYR A 344 9.33 -17.20 21.71
C TYR A 344 9.94 -18.54 21.29
N ALA A 345 11.25 -18.68 21.50
CA ALA A 345 11.93 -19.90 21.11
C ALA A 345 11.40 -21.07 21.94
N GLU A 346 11.25 -20.83 23.24
CA GLU A 346 10.74 -21.85 24.16
C GLU A 346 9.33 -22.29 23.77
N ALA A 347 8.51 -21.37 23.27
CA ALA A 347 7.17 -21.73 22.85
C ALA A 347 7.18 -22.33 21.46
N ARG A 348 8.36 -22.35 20.83
CA ARG A 348 8.53 -22.89 19.49
C ARG A 348 7.66 -22.14 18.47
N ILE A 349 7.53 -20.83 18.69
CA ILE A 349 6.83 -19.94 17.78
C ILE A 349 7.88 -19.17 17.00
N PRO A 350 7.81 -19.24 15.66
CA PRO A 350 8.75 -18.51 14.80
C PRO A 350 8.80 -17.01 15.12
N LEU A 351 10.01 -16.50 15.26
CA LEU A 351 10.23 -15.07 15.44
C LEU A 351 11.41 -14.63 14.59
N GLU A 352 11.19 -13.68 13.69
CA GLU A 352 12.23 -13.26 12.77
C GLU A 352 12.93 -11.99 13.19
N VAL A 353 12.17 -11.03 13.70
CA VAL A 353 12.67 -9.68 13.88
C VAL A 353 12.22 -9.12 15.23
N MET A 354 13.19 -8.61 15.98
CA MET A 354 12.89 -7.95 17.23
C MET A 354 12.99 -6.46 17.03
N TRP A 355 12.00 -5.73 17.54
CA TRP A 355 11.94 -4.30 17.35
C TRP A 355 12.13 -3.59 18.68
N THR A 356 12.71 -2.40 18.63
CA THR A 356 12.72 -1.54 19.80
C THR A 356 12.07 -0.20 19.49
N ASP A 357 11.13 0.17 20.35
CA ASP A 357 10.48 1.47 20.27
C ASP A 357 11.33 2.52 20.97
N ILE A 358 10.77 3.70 21.18
CA ILE A 358 11.54 4.87 21.59
C ILE A 358 12.22 4.70 22.95
N ASP A 359 11.83 3.64 23.66
CA ASP A 359 12.50 3.21 24.88
C ASP A 359 14.03 3.09 24.78
N TYR A 360 14.55 2.64 23.63
CA TYR A 360 15.97 2.36 23.49
C TYR A 360 16.82 3.64 23.52
N MET A 361 16.19 4.76 23.19
CA MET A 361 16.91 6.02 23.00
C MET A 361 17.31 6.64 24.33
N ASP A 362 18.30 7.53 24.29
CA ASP A 362 18.60 8.34 25.46
C ASP A 362 17.59 9.48 25.53
N ALA A 363 16.62 9.33 26.42
CA ALA A 363 15.58 10.33 26.65
C ALA A 363 14.94 10.74 25.33
N PHE A 364 14.62 9.74 24.50
CA PHE A 364 13.82 9.89 23.28
C PHE A 364 14.51 10.72 22.18
N LYS A 365 15.83 10.78 22.22
CA LYS A 365 16.61 11.45 21.17
C LYS A 365 17.12 10.44 20.16
N ASP A 366 16.86 10.71 18.88
CA ASP A 366 17.39 9.92 17.77
C ASP A 366 18.91 9.71 17.86
N PHE A 367 19.38 8.57 17.39
CA PHE A 367 20.81 8.32 17.19
C PHE A 367 21.57 8.26 18.51
N THR A 368 20.86 7.87 19.56
CA THR A 368 21.45 7.67 20.89
C THR A 368 20.92 6.41 21.54
N LEU A 369 21.61 5.97 22.60
CA LEU A 369 21.16 4.83 23.39
C LEU A 369 21.04 5.20 24.85
N ASP A 370 19.98 4.72 25.50
CA ASP A 370 19.84 4.86 26.94
C ASP A 370 21.03 4.15 27.60
N PRO A 371 21.92 4.92 28.25
CA PRO A 371 23.15 4.31 28.76
C PRO A 371 22.90 3.38 29.95
N VAL A 372 21.72 3.51 30.55
CA VAL A 372 21.32 2.65 31.66
C VAL A 372 20.53 1.41 31.24
N HIS A 373 19.50 1.61 30.43
CA HIS A 373 18.54 0.57 30.15
C HIS A 373 18.90 -0.19 28.88
N PHE A 374 19.54 0.52 27.97
CA PHE A 374 19.96 -0.05 26.69
C PHE A 374 21.40 0.30 26.34
N PRO A 375 22.35 -0.06 27.22
CA PRO A 375 23.74 0.34 27.01
C PRO A 375 24.30 -0.24 25.71
N LEU A 376 25.20 0.51 25.08
CA LEU A 376 25.74 0.13 23.77
C LEU A 376 26.31 -1.29 23.71
N ASP A 377 27.14 -1.66 24.69
CA ASP A 377 27.81 -2.97 24.67
C ASP A 377 26.82 -4.13 24.70
N LYS A 378 25.78 -4.00 25.52
CA LYS A 378 24.76 -5.04 25.63
C LYS A 378 23.90 -5.11 24.37
N MET A 379 23.63 -3.95 23.79
CA MET A 379 22.87 -3.90 22.55
C MET A 379 23.67 -4.52 21.42
N GLN A 380 24.97 -4.27 21.41
CA GLN A 380 25.86 -4.90 20.45
C GLN A 380 25.84 -6.42 20.58
N GLN A 381 25.91 -6.91 21.81
CA GLN A 381 25.85 -8.34 22.07
C GLN A 381 24.51 -8.93 21.64
N PHE A 382 23.45 -8.22 21.96
CA PHE A 382 22.10 -8.62 21.63
C PHE A 382 21.88 -8.77 20.13
N VAL A 383 22.30 -7.77 19.36
CA VAL A 383 22.13 -7.79 17.91
C VAL A 383 23.01 -8.87 17.31
N THR A 384 24.21 -9.02 17.88
CA THR A 384 25.13 -10.06 17.46
C THR A 384 24.48 -11.43 17.68
N LYS A 385 23.80 -11.59 18.81
CA LYS A 385 23.12 -12.85 19.11
C LYS A 385 21.98 -13.12 18.15
N LEU A 386 21.20 -12.09 17.84
CA LEU A 386 20.12 -12.22 16.88
C LEU A 386 20.67 -12.76 15.57
N HIS A 387 21.73 -12.11 15.08
CA HIS A 387 22.34 -12.43 13.81
C HIS A 387 22.91 -13.84 13.75
N ARG A 388 23.53 -14.27 14.84
CA ARG A 388 24.06 -15.62 14.91
C ARG A 388 22.92 -16.64 14.76
N ASN A 389 21.73 -16.26 15.20
CA ASN A 389 20.57 -17.15 15.13
C ASN A 389 19.67 -16.89 13.93
N GLY A 390 20.14 -16.13 12.96
CA GLY A 390 19.36 -15.93 11.75
C GLY A 390 18.22 -14.92 11.92
N GLN A 391 18.28 -14.11 12.97
CA GLN A 391 17.22 -13.15 13.25
C GLN A 391 17.69 -11.73 12.98
N ARG A 392 16.77 -10.77 13.04
CA ARG A 392 17.09 -9.40 12.64
C ARG A 392 16.57 -8.37 13.64
N TYR A 393 17.05 -7.14 13.50
CA TYR A 393 16.76 -6.07 14.45
C TYR A 393 16.32 -4.77 13.75
N VAL A 394 15.20 -4.20 14.17
CA VAL A 394 14.72 -2.93 13.63
C VAL A 394 14.40 -1.91 14.76
N PRO A 395 15.10 -0.77 14.78
CA PRO A 395 14.75 0.32 15.69
C PRO A 395 13.89 1.41 15.03
N ILE A 396 13.16 2.16 15.86
CA ILE A 396 12.38 3.32 15.43
C ILE A 396 13.18 4.63 15.31
N LEU A 397 12.76 5.50 14.39
CA LEU A 397 13.22 6.90 14.34
C LEU A 397 12.07 7.89 14.14
N ASP A 398 12.14 9.02 14.84
CA ASP A 398 11.19 10.12 14.63
C ASP A 398 11.87 11.24 13.85
N PRO A 399 11.10 12.14 13.23
CA PRO A 399 11.79 13.15 12.42
C PRO A 399 12.33 14.33 13.26
N GLY A 400 11.67 14.66 14.35
CA GLY A 400 12.02 15.81 15.16
C GLY A 400 13.33 15.67 15.90
N ILE A 401 14.19 16.69 15.81
CA ILE A 401 15.48 16.67 16.48
C ILE A 401 15.43 17.57 17.70
N ASN A 402 15.66 16.97 18.86
CA ASN A 402 15.65 17.67 20.13
C ASN A 402 16.70 18.78 20.11
N THR A 403 16.38 19.89 20.77
CA THR A 403 17.15 21.13 20.68
C THR A 403 18.24 21.20 21.74
N ASN A 404 18.63 20.05 22.27
CA ASN A 404 19.66 19.97 23.29
C ASN A 404 21.03 20.38 22.73
N LYS A 405 21.66 21.37 23.36
CA LYS A 405 22.91 21.94 22.85
C LYS A 405 24.13 21.00 22.90
N SER A 406 24.05 19.93 23.68
CA SER A 406 25.14 18.95 23.77
C SER A 406 24.82 17.67 23.01
N TYR A 407 23.82 17.76 22.14
CA TYR A 407 23.41 16.64 21.30
C TYR A 407 23.98 16.80 19.90
N GLY A 408 24.85 15.86 19.52
CA GLY A 408 25.59 15.93 18.27
C GLY A 408 24.73 16.10 17.04
N THR A 409 23.60 15.40 17.00
CA THR A 409 22.71 15.46 15.85
C THR A 409 22.17 16.88 15.68
N PHE A 410 21.81 17.51 16.80
CA PHE A 410 21.33 18.89 16.78
C PHE A 410 22.40 19.88 16.32
N ILE A 411 23.60 19.76 16.87
CA ILE A 411 24.71 20.64 16.50
C ILE A 411 25.00 20.61 15.01
N ARG A 412 25.09 19.41 14.45
CA ARG A 412 25.39 19.21 13.04
C ARG A 412 24.25 19.69 12.14
N GLY A 413 23.01 19.48 12.57
CA GLY A 413 21.85 19.93 11.83
C GLY A 413 21.84 21.43 11.69
N MET A 414 22.19 22.12 12.77
CA MET A 414 22.25 23.58 12.77
C MET A 414 23.32 24.05 11.80
N GLN A 415 24.49 23.40 11.87
CA GLN A 415 25.63 23.77 11.04
C GLN A 415 25.33 23.70 9.55
N SER A 416 24.48 22.77 9.15
CA SER A 416 24.13 22.63 7.75
C SER A 416 22.78 23.26 7.43
N ASN A 417 22.21 23.93 8.43
CA ASN A 417 20.98 24.70 8.26
C ASN A 417 19.85 23.86 7.64
N VAL A 418 19.59 22.71 8.25
CA VAL A 418 18.72 21.70 7.66
C VAL A 418 17.25 21.77 8.08
N PHE A 419 16.91 22.69 8.97
CA PHE A 419 15.59 22.63 9.60
C PHE A 419 14.55 23.52 8.95
N ILE A 420 13.31 23.07 9.02
CA ILE A 420 12.18 23.85 8.54
C ILE A 420 12.05 25.15 9.33
N LYS A 421 11.82 26.23 8.60
CA LYS A 421 11.71 27.56 9.17
C LYS A 421 10.31 28.15 9.10
N ARG A 422 10.04 29.08 10.01
CA ARG A 422 8.86 29.93 9.93
C ARG A 422 9.25 31.32 10.42
N ASP A 423 8.84 32.33 9.67
CA ASP A 423 9.20 33.71 9.99
C ASP A 423 10.71 33.84 10.11
N GLY A 424 11.45 33.06 9.31
CA GLY A 424 12.88 33.22 9.24
C GLY A 424 13.69 32.46 10.28
N ASN A 425 13.02 31.71 11.15
CA ASN A 425 13.72 30.98 12.19
C ASN A 425 13.27 29.54 12.22
N PRO A 426 14.09 28.63 12.77
CA PRO A 426 13.67 27.23 12.78
C PRO A 426 12.34 27.09 13.52
N TYR A 427 11.43 26.30 12.96
CA TYR A 427 10.13 26.10 13.57
C TYR A 427 10.26 25.16 14.76
N LEU A 428 9.70 25.58 15.90
CA LEU A 428 9.86 24.85 17.15
C LEU A 428 8.62 24.02 17.41
N GLY A 429 8.76 22.70 17.28
CA GLY A 429 7.66 21.80 17.57
C GLY A 429 7.79 21.15 18.93
N SER A 430 6.84 20.28 19.25
CA SER A 430 6.92 19.45 20.44
C SER A 430 6.66 17.99 20.15
N VAL A 431 7.60 17.11 20.51
CA VAL A 431 7.37 15.67 20.43
C VAL A 431 8.00 15.01 21.68
N TRP A 432 8.32 13.71 21.60
CA TRP A 432 8.72 12.93 22.77
C TRP A 432 9.91 13.47 23.59
N PRO A 433 10.96 13.98 22.92
CA PRO A 433 12.07 14.46 23.76
C PRO A 433 11.86 15.90 24.24
N GLY A 434 10.71 16.48 23.89
CA GLY A 434 10.39 17.87 24.16
C GLY A 434 10.54 18.77 22.95
N PRO A 435 11.25 19.90 23.10
CA PRO A 435 11.38 20.84 21.99
C PRO A 435 12.17 20.24 20.82
N VAL A 436 11.71 20.45 19.60
CA VAL A 436 12.40 19.96 18.41
C VAL A 436 12.38 20.92 17.24
N TYR A 437 13.35 20.75 16.36
CA TYR A 437 13.26 21.29 15.01
C TYR A 437 13.08 20.14 14.04
N TYR A 438 12.46 20.43 12.90
CA TYR A 438 12.15 19.41 11.93
C TYR A 438 13.04 19.55 10.71
N PRO A 439 13.77 18.47 10.35
CA PRO A 439 14.58 18.53 9.13
C PRO A 439 13.71 18.78 7.89
N ASP A 440 14.21 19.60 6.98
CA ASP A 440 13.51 19.89 5.73
C ASP A 440 13.95 18.90 4.67
N PHE A 441 13.18 17.83 4.49
CA PHE A 441 13.60 16.75 3.60
C PHE A 441 13.45 17.11 2.13
N LEU A 442 12.97 18.32 1.86
CA LEU A 442 12.98 18.91 0.53
C LEU A 442 14.35 19.54 0.22
N ASP A 443 15.15 19.71 1.29
CA ASP A 443 16.49 20.37 1.21
C ASP A 443 17.58 19.31 1.01
N PRO A 444 18.33 19.41 -0.10
CA PRO A 444 19.36 18.39 -0.37
C PRO A 444 20.36 18.27 0.77
N ALA A 445 20.65 19.38 1.41
CA ALA A 445 21.55 19.45 2.57
C ALA A 445 21.00 18.68 3.77
N ALA A 446 19.68 18.69 3.94
CA ALA A 446 19.05 17.95 5.02
C ALA A 446 19.09 16.44 4.78
N ARG A 447 18.87 16.04 3.53
CA ARG A 447 18.99 14.63 3.17
C ARG A 447 20.42 14.11 3.44
N SER A 448 21.43 14.88 3.04
CA SER A 448 22.83 14.50 3.28
C SER A 448 23.11 14.36 4.78
N PHE A 449 22.59 15.31 5.54
CA PHE A 449 22.67 15.30 6.99
C PHE A 449 22.03 14.03 7.54
N TRP A 450 20.86 13.68 7.01
CA TRP A 450 20.11 12.51 7.46
C TRP A 450 20.89 11.22 7.23
N VAL A 451 21.45 11.11 6.02
CA VAL A 451 22.30 9.99 5.62
C VAL A 451 23.48 9.85 6.59
N ASP A 452 24.11 10.98 6.87
CA ASP A 452 25.28 11.01 7.75
C ASP A 452 24.98 10.57 9.18
N GLU A 453 23.83 10.97 9.73
CA GLU A 453 23.49 10.58 11.10
C GLU A 453 23.26 9.08 11.21
N ILE A 454 22.58 8.55 10.20
CA ILE A 454 22.29 7.12 10.10
C ILE A 454 23.59 6.32 9.93
N LYS A 455 24.50 6.84 9.12
CA LYS A 455 25.80 6.20 8.95
C LYS A 455 26.51 6.08 10.30
N ARG A 456 26.58 7.20 11.02
CA ARG A 456 27.22 7.25 12.32
C ARG A 456 26.65 6.26 13.33
N PHE A 457 25.34 6.15 13.34
CA PHE A 457 24.65 5.28 14.29
C PHE A 457 24.86 3.83 13.91
N ARG A 458 24.75 3.56 12.62
CA ARG A 458 24.90 2.22 12.12
C ARG A 458 26.34 1.70 12.33
N ASP A 459 27.30 2.62 12.37
CA ASP A 459 28.70 2.25 12.59
C ASP A 459 28.99 1.75 14.01
N ILE A 460 28.15 2.14 14.96
CA ILE A 460 28.30 1.75 16.37
C ILE A 460 27.37 0.57 16.70
N LEU A 461 26.17 0.59 16.15
CA LEU A 461 25.19 -0.46 16.40
C LEU A 461 24.53 -0.98 15.12
N PRO A 462 24.79 -2.25 14.78
CA PRO A 462 24.20 -2.78 13.55
C PRO A 462 22.68 -2.78 13.59
N ILE A 463 22.07 -2.47 12.45
CA ILE A 463 20.62 -2.54 12.30
C ILE A 463 20.29 -3.22 10.98
N ASP A 464 19.07 -3.74 10.87
CA ASP A 464 18.67 -4.43 9.65
C ASP A 464 17.64 -3.64 8.85
N GLY A 465 17.08 -2.62 9.48
CA GLY A 465 16.06 -1.79 8.87
C GLY A 465 15.71 -0.65 9.78
N ILE A 466 14.82 0.23 9.34
CA ILE A 466 14.45 1.40 10.11
C ILE A 466 12.94 1.56 10.07
N TRP A 467 12.38 1.92 11.22
CA TRP A 467 10.98 2.28 11.36
C TRP A 467 10.88 3.79 11.52
N ILE A 468 10.30 4.49 10.55
CA ILE A 468 10.12 5.94 10.69
C ILE A 468 8.68 6.32 11.08
N ASP A 469 8.55 6.91 12.26
CA ASP A 469 7.26 7.21 12.84
C ASP A 469 7.04 8.74 12.98
N MET A 470 5.84 9.16 13.36
CA MET A 470 5.57 10.55 13.76
C MET A 470 5.85 11.59 12.67
N ASN A 471 5.77 11.16 11.42
CA ASN A 471 6.32 11.92 10.30
C ASN A 471 5.25 12.55 9.40
N GLU A 472 4.14 12.96 10.00
CA GLU A 472 3.11 13.72 9.29
C GLU A 472 3.44 15.17 8.84
N ALA A 473 4.16 16.01 9.59
CA ALA A 473 4.82 15.74 10.87
C ALA A 473 3.89 15.94 12.06
N SER A 474 4.04 15.11 13.08
CA SER A 474 3.29 15.25 14.30
C SER A 474 3.91 16.33 15.20
N ASN A 475 3.05 17.17 15.78
CA ASN A 475 3.48 18.22 16.68
C ASN A 475 2.52 18.24 17.87
N PHE A 476 3.01 18.26 19.10
CA PHE A 476 2.08 18.21 20.22
C PHE A 476 1.49 19.57 20.64
N ILE A 477 2.08 20.67 20.18
CA ILE A 477 1.51 22.00 20.35
C ILE A 477 1.12 22.69 19.06
N THR A 478 -0.15 23.01 18.89
CA THR A 478 -0.60 23.84 17.78
C THR A 478 -0.17 25.31 17.88
N SER A 479 0.54 25.81 16.86
CA SER A 479 0.99 27.21 16.84
C SER A 479 -0.12 28.18 16.47
N ALA A 480 -0.01 29.41 16.96
CA ALA A 480 -0.93 30.49 16.58
C ALA A 480 -0.83 30.79 15.08
N PRO A 481 -1.96 31.09 14.43
CA PRO A 481 -1.92 31.42 13.00
C PRO A 481 -1.22 32.75 12.75
N THR A 482 -0.53 32.90 11.63
CA THR A 482 0.05 34.17 11.25
C THR A 482 -1.03 35.20 10.92
N PRO A 483 -1.03 36.35 11.62
CA PRO A 483 -2.03 37.39 11.38
C PRO A 483 -2.13 37.75 9.89
N GLY A 484 -3.33 37.76 9.34
CA GLY A 484 -3.56 38.13 7.95
C GLY A 484 -3.29 37.05 6.90
N SER A 485 -2.68 35.93 7.31
CA SER A 485 -2.33 34.87 6.35
C SER A 485 -3.52 34.03 5.92
N THR A 486 -3.78 33.93 4.61
CA THR A 486 -4.83 33.04 4.13
C THR A 486 -4.36 31.59 4.00
N LEU A 487 -3.06 31.33 4.23
CA LEU A 487 -2.54 29.97 4.34
C LEU A 487 -2.85 29.29 5.68
N ASP A 488 -2.60 29.98 6.78
CA ASP A 488 -2.93 29.46 8.11
C ASP A 488 -4.44 29.51 8.37
N ASN A 489 -5.14 30.36 7.61
CA ASN A 489 -6.59 30.54 7.73
C ASN A 489 -7.25 30.52 6.35
N PRO A 490 -7.33 29.33 5.74
CA PRO A 490 -7.78 29.22 4.35
C PRO A 490 -9.30 29.44 4.20
N PRO A 491 -9.73 29.97 3.04
CA PRO A 491 -11.13 30.33 2.81
C PRO A 491 -12.08 29.13 2.76
N TYR A 492 -11.61 27.99 2.28
CA TYR A 492 -12.40 26.76 2.34
C TYR A 492 -11.77 25.85 3.38
N LYS A 493 -12.57 25.46 4.37
CA LYS A 493 -12.11 24.56 5.43
C LYS A 493 -12.35 23.12 5.04
N ILE A 494 -11.30 22.33 4.84
CA ILE A 494 -11.48 20.90 4.63
C ILE A 494 -11.90 20.23 5.93
N ASN A 495 -12.44 19.02 5.86
CA ASN A 495 -13.04 18.40 7.04
C ASN A 495 -12.02 17.66 7.90
N ASN A 496 -10.93 18.35 8.24
CA ASN A 496 -9.88 17.78 9.06
C ASN A 496 -10.41 17.27 10.40
N SER A 497 -10.09 16.02 10.72
CA SER A 497 -10.51 15.34 11.94
C SER A 497 -12.03 15.30 12.15
N GLY A 498 -12.78 15.42 11.05
CA GLY A 498 -14.23 15.32 11.08
C GLY A 498 -14.95 16.52 11.69
N GLY A 499 -14.20 17.58 11.96
CA GLY A 499 -14.73 18.74 12.63
C GLY A 499 -14.35 20.07 12.02
N ARG A 500 -13.99 20.06 10.74
CA ARG A 500 -13.49 21.26 10.06
C ARG A 500 -12.37 21.89 10.88
N VAL A 501 -11.51 21.05 11.43
CA VAL A 501 -10.48 21.52 12.34
C VAL A 501 -9.38 22.17 11.50
N PRO A 502 -8.80 23.28 11.98
CA PRO A 502 -7.80 23.99 11.16
C PRO A 502 -6.66 23.08 10.73
N ILE A 503 -6.19 23.23 9.50
CA ILE A 503 -5.13 22.37 8.96
C ILE A 503 -3.85 22.38 9.79
N ASN A 504 -3.62 23.46 10.54
CA ASN A 504 -2.38 23.55 11.33
C ASN A 504 -2.44 22.80 12.67
N SER A 505 -3.57 22.17 12.96
CA SER A 505 -3.74 21.47 14.24
C SER A 505 -2.76 20.32 14.44
N LYS A 506 -1.93 20.43 15.49
CA LYS A 506 -1.00 19.37 15.89
C LYS A 506 -0.03 18.97 14.78
N THR A 507 0.43 19.96 14.03
CA THR A 507 1.41 19.72 12.98
C THR A 507 2.24 20.99 12.75
N ILE A 508 2.96 21.02 11.65
CA ILE A 508 3.73 22.21 11.27
C ILE A 508 2.79 23.18 10.55
N PRO A 509 2.83 24.46 10.94
CA PRO A 509 1.92 25.47 10.38
C PRO A 509 2.10 25.68 8.89
N ALA A 510 1.01 25.99 8.20
CA ALA A 510 1.00 26.17 6.76
C ALA A 510 1.97 27.25 6.27
N THR A 511 2.25 28.25 7.10
CA THR A 511 3.17 29.33 6.73
C THR A 511 4.65 29.01 6.89
N ALA A 512 4.97 27.84 7.45
CA ALA A 512 6.35 27.39 7.47
C ALA A 512 6.90 27.21 6.05
N MET A 513 8.23 27.33 5.91
CA MET A 513 8.88 27.38 4.61
C MET A 513 9.93 26.27 4.44
N HIS A 514 10.03 25.78 3.20
CA HIS A 514 10.96 24.71 2.84
C HIS A 514 11.90 25.22 1.76
N TYR A 515 12.96 24.47 1.51
CA TYR A 515 13.90 24.75 0.44
C TYR A 515 13.22 25.17 -0.85
N GLY A 516 13.72 26.24 -1.48
CA GLY A 516 13.10 26.72 -2.70
C GLY A 516 11.90 27.60 -2.45
N ASN A 517 11.79 28.12 -1.23
CA ASN A 517 10.63 28.92 -0.83
C ASN A 517 9.32 28.16 -1.02
N VAL A 518 9.33 26.88 -0.64
CA VAL A 518 8.12 26.08 -0.75
C VAL A 518 7.43 26.10 0.61
N THR A 519 6.12 26.33 0.60
CA THR A 519 5.33 26.40 1.82
C THR A 519 4.92 25.03 2.34
N GLU A 520 4.79 24.94 3.67
CA GLU A 520 4.21 23.77 4.31
C GLU A 520 2.80 23.52 3.80
N TYR A 521 2.07 24.58 3.50
CA TYR A 521 0.74 24.50 2.91
C TYR A 521 0.70 23.52 1.75
N ASN A 522 1.66 23.66 0.84
CA ASN A 522 1.73 22.85 -0.37
C ASN A 522 2.42 21.49 -0.20
N ALA A 523 3.44 21.45 0.66
CA ALA A 523 4.32 20.29 0.79
C ALA A 523 3.99 19.33 1.94
N HIS A 524 3.06 19.75 2.81
CA HIS A 524 2.66 18.97 3.99
C HIS A 524 2.47 17.47 3.74
N ASN A 525 1.63 17.13 2.76
CA ASN A 525 1.30 15.73 2.51
C ASN A 525 2.49 14.95 1.95
N LEU A 526 3.56 15.66 1.60
CA LEU A 526 4.78 15.03 1.10
C LEU A 526 5.83 14.75 2.17
N TYR A 527 5.62 15.21 3.41
CA TYR A 527 6.71 15.14 4.39
C TYR A 527 7.17 13.72 4.64
N GLY A 528 6.23 12.83 4.92
CA GLY A 528 6.52 11.43 5.20
C GLY A 528 7.17 10.74 4.01
N PHE A 529 6.61 11.04 2.84
CA PHE A 529 7.08 10.54 1.57
C PHE A 529 8.55 10.87 1.38
N LEU A 530 8.90 12.14 1.60
CA LEU A 530 10.25 12.63 1.41
C LEU A 530 11.26 12.02 2.39
N GLU A 531 10.85 11.91 3.65
CA GLU A 531 11.68 11.26 4.65
C GLU A 531 11.97 9.80 4.30
N SER A 532 10.96 9.15 3.72
CA SER A 532 11.10 7.75 3.30
C SER A 532 12.17 7.64 2.21
N GLN A 533 12.15 8.57 1.26
CA GLN A 533 13.17 8.63 0.22
C GLN A 533 14.57 8.80 0.83
N ALA A 534 14.69 9.74 1.77
CA ALA A 534 15.96 10.04 2.41
C ALA A 534 16.46 8.90 3.27
N THR A 535 15.54 8.22 3.96
CA THR A 535 15.93 7.13 4.85
C THR A 535 16.38 5.93 4.02
N ARG A 536 15.66 5.64 2.95
CA ARG A 536 16.05 4.57 2.05
C ARG A 536 17.41 4.90 1.45
N GLU A 537 17.61 6.16 1.09
CA GLU A 537 18.90 6.58 0.56
C GLU A 537 20.00 6.30 1.58
N ALA A 538 19.73 6.60 2.84
CA ALA A 538 20.70 6.38 3.91
C ALA A 538 21.07 4.91 4.06
N LEU A 539 20.06 4.05 3.99
CA LEU A 539 20.27 2.62 4.10
C LEU A 539 21.04 2.01 2.94
N VAL A 540 20.72 2.44 1.71
CA VAL A 540 21.40 1.92 0.53
C VAL A 540 22.88 2.30 0.52
N ARG A 541 23.17 3.50 1.02
CA ARG A 541 24.52 4.03 1.08
C ARG A 541 25.39 3.43 2.20
N THR A 542 24.76 2.77 3.17
CA THR A 542 25.47 2.24 4.33
C THR A 542 25.45 0.71 4.44
N SER A 543 24.83 0.04 3.47
CA SER A 543 24.80 -1.41 3.40
C SER A 543 24.45 -1.90 2.01
N ASN A 544 25.13 -2.94 1.52
CA ASN A 544 24.79 -3.50 0.22
C ASN A 544 23.61 -4.45 0.24
N GLU A 545 23.00 -4.67 1.40
CA GLU A 545 21.79 -5.48 1.45
C GLU A 545 20.58 -4.68 1.00
N ARG A 546 19.58 -5.39 0.47
CA ARG A 546 18.27 -4.81 0.22
C ARG A 546 17.71 -4.22 1.50
N PRO A 547 17.33 -2.94 1.45
CA PRO A 547 16.90 -2.33 2.71
C PRO A 547 15.45 -2.65 3.06
N PHE A 548 15.08 -2.32 4.29
CA PHE A 548 13.71 -2.46 4.76
C PHE A 548 13.36 -1.24 5.59
N LEU A 549 12.28 -0.56 5.23
CA LEU A 549 11.77 0.47 6.12
C LEU A 549 10.26 0.45 6.19
N LEU A 550 9.76 0.92 7.33
CA LEU A 550 8.34 1.02 7.61
C LEU A 550 8.02 2.47 7.94
N SER A 551 7.04 3.05 7.24
CA SER A 551 6.69 4.44 7.47
C SER A 551 5.24 4.61 7.86
N ARG A 552 4.98 5.54 8.78
CA ARG A 552 3.60 5.85 9.15
C ARG A 552 2.93 6.75 8.13
N SER A 553 3.46 7.97 7.96
CA SER A 553 2.85 8.90 7.02
C SER A 553 3.27 8.57 5.61
N THR A 554 2.32 8.67 4.68
CA THR A 554 2.58 8.34 3.27
C THR A 554 1.86 9.26 2.30
N PHE A 555 2.29 9.19 1.05
CA PHE A 555 1.65 9.86 -0.06
C PHE A 555 1.71 8.89 -1.24
N ALA A 556 0.89 9.13 -2.26
CA ALA A 556 0.96 8.35 -3.49
C ALA A 556 2.41 8.29 -3.99
N GLY A 557 2.90 7.07 -4.16
CA GLY A 557 4.29 6.86 -4.55
C GLY A 557 5.18 6.37 -3.42
N SER A 558 4.68 6.42 -2.19
CA SER A 558 5.47 5.95 -1.05
C SER A 558 5.88 4.49 -1.15
N GLY A 559 5.06 3.67 -1.82
CA GLY A 559 5.35 2.24 -1.94
C GLY A 559 6.63 1.91 -2.66
N LYS A 560 7.14 2.86 -3.44
CA LYS A 560 8.42 2.73 -4.10
C LYS A 560 9.60 2.77 -3.12
N TYR A 561 9.31 3.18 -1.89
CA TYR A 561 10.36 3.38 -0.88
C TYR A 561 10.15 2.62 0.42
N THR A 562 8.93 2.26 0.76
CA THR A 562 8.67 1.81 2.12
C THR A 562 7.47 0.87 2.26
N ALA A 563 7.50 0.08 3.33
CA ALA A 563 6.32 -0.62 3.83
C ALA A 563 5.45 0.33 4.64
N HIS A 564 4.23 -0.10 4.96
CA HIS A 564 3.37 0.71 5.79
C HIS A 564 2.59 -0.19 6.74
N TRP A 565 2.15 0.34 7.88
CA TRP A 565 1.22 -0.39 8.73
C TRP A 565 0.06 0.52 9.07
N THR A 566 -1.07 -0.04 9.51
CA THR A 566 -2.29 0.74 9.63
C THR A 566 -2.28 1.72 10.79
N GLY A 567 -1.21 1.70 11.58
CA GLY A 567 -1.04 2.69 12.62
C GLY A 567 -1.68 2.30 13.94
N ASP A 568 -2.21 3.28 14.65
CA ASP A 568 -2.76 3.04 15.98
C ASP A 568 -4.19 2.52 15.96
N ASN A 569 -4.32 1.23 15.69
CA ASN A 569 -5.60 0.55 15.82
C ASN A 569 -5.85 0.20 17.30
N ALA A 570 -6.94 -0.51 17.56
CA ALA A 570 -7.28 -0.85 18.93
C ALA A 570 -7.61 -2.33 19.08
N ALA A 571 -7.50 -2.82 20.32
CA ALA A 571 -7.84 -4.19 20.62
C ALA A 571 -9.36 -4.33 20.74
N ARG A 572 -10.01 -4.26 19.58
CA ARG A 572 -11.46 -4.31 19.48
C ARG A 572 -11.79 -5.25 18.32
N TRP A 573 -12.92 -5.94 18.38
CA TRP A 573 -13.34 -6.79 17.27
C TRP A 573 -13.53 -5.98 15.98
N ASP A 574 -14.00 -4.74 16.11
CA ASP A 574 -14.15 -3.86 14.95
C ASP A 574 -12.83 -3.70 14.19
N ASP A 575 -11.76 -3.39 14.90
CA ASP A 575 -10.47 -3.13 14.27
C ASP A 575 -9.90 -4.36 13.58
N LEU A 576 -10.19 -5.53 14.14
CA LEU A 576 -9.81 -6.80 13.52
C LEU A 576 -10.34 -6.87 12.10
N GLN A 577 -11.62 -6.54 11.93
CA GLN A 577 -12.25 -6.54 10.62
C GLN A 577 -11.73 -5.36 9.79
N TYR A 578 -11.56 -4.20 10.42
CA TYR A 578 -11.07 -3.01 9.70
C TYR A 578 -9.73 -3.23 9.01
N SER A 579 -8.91 -4.13 9.55
CA SER A 579 -7.60 -4.39 8.95
C SER A 579 -7.68 -4.87 7.51
N ILE A 580 -8.80 -5.51 7.14
CA ILE A 580 -8.92 -6.09 5.82
C ILE A 580 -9.17 -5.03 4.73
N PRO A 581 -10.21 -4.18 4.86
CA PRO A 581 -10.33 -3.10 3.87
C PRO A 581 -9.08 -2.22 3.74
N THR A 582 -8.42 -1.94 4.85
CA THR A 582 -7.23 -1.10 4.84
C THR A 582 -6.07 -1.81 4.14
N MET A 583 -5.92 -3.10 4.43
CA MET A 583 -4.93 -3.94 3.76
C MET A 583 -5.12 -3.90 2.25
N LEU A 584 -6.36 -4.11 1.81
CA LEU A 584 -6.69 -4.11 0.39
C LEU A 584 -6.45 -2.75 -0.28
N ASN A 585 -6.85 -1.67 0.37
CA ASN A 585 -6.61 -0.33 -0.14
C ASN A 585 -5.16 -0.01 -0.46
N PHE A 586 -4.27 -0.31 0.48
CA PHE A 586 -2.88 0.01 0.27
C PHE A 586 -2.27 -0.80 -0.87
N GLY A 587 -2.85 -1.96 -1.14
CA GLY A 587 -2.50 -2.69 -2.35
C GLY A 587 -2.84 -1.83 -3.55
N LEU A 588 -4.04 -1.26 -3.58
CA LEU A 588 -4.44 -0.36 -4.66
C LEU A 588 -3.54 0.87 -4.74
N PHE A 589 -3.02 1.29 -3.59
CA PHE A 589 -2.17 2.48 -3.50
C PHE A 589 -0.72 2.21 -3.89
N GLY A 590 -0.44 0.98 -4.34
CA GLY A 590 0.89 0.60 -4.73
C GLY A 590 1.83 0.33 -3.59
N MET A 591 1.25 -0.03 -2.43
CA MET A 591 2.01 -0.32 -1.23
C MET A 591 1.62 -1.71 -0.71
N PRO A 592 2.08 -2.76 -1.41
CA PRO A 592 1.63 -4.13 -1.12
C PRO A 592 2.18 -4.68 0.20
N MET A 593 3.17 -4.03 0.78
CA MET A 593 3.73 -4.52 2.03
C MET A 593 3.03 -3.81 3.18
N ILE A 594 1.92 -4.41 3.60
CA ILE A 594 0.99 -3.79 4.52
C ILE A 594 0.55 -4.77 5.61
N GLY A 595 0.27 -4.25 6.80
CA GLY A 595 -0.35 -5.03 7.85
C GLY A 595 -0.79 -4.13 8.98
N ALA A 596 -1.42 -4.73 9.98
CA ALA A 596 -1.86 -4.01 11.17
C ALA A 596 -1.25 -4.61 12.44
N ASP A 597 -1.19 -3.80 13.50
CA ASP A 597 -0.67 -4.27 14.77
C ASP A 597 -1.57 -5.41 15.30
N ILE A 598 -1.01 -6.61 15.33
CA ILE A 598 -1.77 -7.80 15.66
C ILE A 598 -2.13 -7.84 17.15
N CYS A 599 -3.41 -8.12 17.41
CA CYS A 599 -4.05 -8.07 18.74
C CYS A 599 -4.41 -6.65 19.17
N GLY A 600 -3.95 -5.66 18.40
CA GLY A 600 -4.38 -4.29 18.61
C GLY A 600 -3.34 -3.48 19.35
N PHE A 601 -3.09 -2.26 18.87
CA PHE A 601 -2.11 -1.39 19.52
C PHE A 601 -2.64 -0.84 20.83
N ALA A 602 -3.70 -0.05 20.74
CA ALA A 602 -4.27 0.61 21.90
C ALA A 602 -5.28 -0.28 22.59
N GLU A 603 -5.37 -0.10 23.91
CA GLU A 603 -6.28 -0.83 24.80
C GLU A 603 -5.79 -2.27 25.00
N SER A 604 -6.18 -2.88 26.11
CA SER A 604 -5.76 -4.25 26.43
C SER A 604 -6.57 -5.28 25.66
N THR A 605 -5.88 -6.26 25.10
CA THR A 605 -6.50 -7.35 24.34
C THR A 605 -7.14 -8.41 25.23
N THR A 606 -7.86 -9.34 24.60
CA THR A 606 -8.38 -10.52 25.29
C THR A 606 -7.76 -11.75 24.65
N GLU A 607 -7.80 -12.88 25.37
CA GLU A 607 -7.28 -14.13 24.83
C GLU A 607 -7.94 -14.51 23.50
N GLU A 608 -9.27 -14.43 23.46
CA GLU A 608 -10.01 -14.81 22.27
C GLU A 608 -9.70 -13.88 21.10
N LEU A 609 -9.68 -12.58 21.35
CA LEU A 609 -9.42 -11.61 20.30
C LEU A 609 -8.02 -11.80 19.74
N CYS A 610 -7.05 -12.00 20.62
CA CYS A 610 -5.68 -12.15 20.18
C CYS A 610 -5.50 -13.46 19.41
N ARG A 611 -6.21 -14.50 19.84
CA ARG A 611 -6.23 -15.79 19.17
C ARG A 611 -6.81 -15.69 17.75
N ARG A 612 -7.97 -15.04 17.61
CA ARG A 612 -8.54 -14.82 16.29
C ARG A 612 -7.68 -13.89 15.43
N TRP A 613 -6.95 -12.98 16.08
CA TRP A 613 -6.14 -12.00 15.36
C TRP A 613 -4.85 -12.58 14.78
N ILE A 614 -4.17 -13.45 15.52
CA ILE A 614 -2.97 -14.07 14.96
C ILE A 614 -3.39 -14.98 13.80
N GLN A 615 -4.54 -15.61 13.92
CA GLN A 615 -5.08 -16.43 12.84
C GLN A 615 -5.20 -15.62 11.54
N LEU A 616 -5.80 -14.44 11.62
CA LEU A 616 -5.91 -13.55 10.47
C LEU A 616 -4.54 -12.94 10.11
N GLY A 617 -3.86 -12.43 11.13
CA GLY A 617 -2.65 -11.64 10.95
C GLY A 617 -1.44 -12.39 10.44
N ALA A 618 -1.43 -13.70 10.64
CA ALA A 618 -0.38 -14.57 10.09
C ALA A 618 -0.39 -14.58 8.56
N PHE A 619 -1.40 -13.96 7.97
CA PHE A 619 -1.51 -13.89 6.52
C PHE A 619 -1.37 -12.47 5.98
N TYR A 620 -1.21 -11.49 6.86
CA TYR A 620 -0.89 -10.13 6.41
C TYR A 620 0.44 -10.21 5.68
N PRO A 621 0.60 -9.44 4.60
CA PRO A 621 1.92 -9.34 3.97
C PRO A 621 3.01 -8.99 4.98
N PHE A 622 2.71 -8.02 5.82
CA PHE A 622 3.58 -7.60 6.92
C PHE A 622 2.94 -8.02 8.24
N SER A 623 3.56 -8.95 8.95
CA SER A 623 2.94 -9.58 10.13
C SER A 623 3.70 -9.25 11.41
N ARG A 624 3.14 -8.33 12.20
CA ARG A 624 3.80 -7.84 13.40
C ARG A 624 2.85 -7.70 14.60
N ASP A 625 3.30 -8.18 15.76
CA ASP A 625 2.62 -7.91 17.01
C ASP A 625 3.21 -6.68 17.68
N HIS A 626 2.37 -5.67 17.95
CA HIS A 626 2.84 -4.45 18.58
C HIS A 626 1.74 -3.89 19.50
N SER A 627 2.14 -3.13 20.53
CA SER A 627 1.16 -2.62 21.50
C SER A 627 1.70 -1.41 22.26
N ALA A 628 0.80 -0.60 22.81
CA ALA A 628 1.19 0.54 23.63
C ALA A 628 1.63 0.11 25.03
N ARG A 629 2.33 0.98 25.74
CA ARG A 629 2.89 0.64 27.04
C ARG A 629 1.85 0.62 28.15
N ASP A 630 0.70 1.27 27.97
CA ASP A 630 -0.22 1.38 29.09
C ASP A 630 -1.26 0.27 29.06
N THR A 631 -0.99 -0.78 28.27
CA THR A 631 -1.96 -1.86 28.07
C THR A 631 -1.27 -3.12 28.59
N THR A 632 -2.02 -4.23 28.70
CA THR A 632 -1.41 -5.52 29.03
C THR A 632 -0.45 -5.99 27.94
N HIS A 633 0.47 -6.87 28.33
CA HIS A 633 1.41 -7.45 27.38
C HIS A 633 0.65 -8.44 26.50
N GLN A 634 1.14 -8.67 25.28
CA GLN A 634 0.42 -9.51 24.34
C GLN A 634 1.31 -10.35 23.40
N GLU A 635 2.51 -10.71 23.86
CA GLU A 635 3.30 -11.72 23.16
C GLU A 635 2.51 -13.03 23.00
N LEU A 636 2.73 -13.73 21.89
CA LEU A 636 1.89 -14.87 21.50
C LEU A 636 2.04 -16.09 22.40
N TYR A 637 3.13 -16.16 23.15
CA TYR A 637 3.34 -17.31 24.04
C TYR A 637 2.57 -17.21 25.36
N LEU A 638 1.93 -16.07 25.61
CA LEU A 638 1.35 -15.80 26.91
C LEU A 638 0.10 -16.63 27.19
N TRP A 639 -0.66 -16.96 26.16
CA TRP A 639 -1.83 -17.83 26.33
C TRP A 639 -1.61 -19.12 25.55
N GLU A 640 -1.91 -20.27 26.15
CA GLU A 640 -1.71 -21.53 25.43
C GLU A 640 -2.56 -21.68 24.16
N SER A 641 -3.81 -21.24 24.21
CA SER A 641 -4.68 -21.43 23.05
C SER A 641 -4.26 -20.55 21.87
N VAL A 642 -3.72 -19.38 22.17
CA VAL A 642 -3.19 -18.49 21.14
C VAL A 642 -1.87 -19.03 20.56
N ALA A 643 -0.98 -19.50 21.43
CA ALA A 643 0.31 -20.08 21.03
C ALA A 643 0.10 -21.25 20.09
N ALA A 644 -0.86 -22.09 20.41
CA ALA A 644 -1.14 -23.28 19.62
C ALA A 644 -1.66 -22.83 18.27
N SER A 645 -2.56 -21.85 18.28
CA SER A 645 -3.04 -21.25 17.05
C SER A 645 -1.91 -20.59 16.26
N ALA A 646 -1.02 -19.89 16.96
CA ALA A 646 0.11 -19.24 16.32
C ALA A 646 1.02 -20.22 15.58
N ARG A 647 1.35 -21.34 16.24
CA ARG A 647 2.17 -22.38 15.63
C ARG A 647 1.51 -22.95 14.39
N THR A 648 0.20 -23.16 14.46
CA THR A 648 -0.54 -23.67 13.31
C THR A 648 -0.49 -22.69 12.13
N VAL A 649 -0.85 -21.43 12.37
CA VAL A 649 -0.99 -20.49 11.26
C VAL A 649 0.34 -19.90 10.78
N LEU A 650 1.27 -19.63 11.69
CA LEU A 650 2.60 -19.20 11.28
C LEU A 650 3.36 -20.34 10.61
N GLY A 651 3.01 -21.57 10.99
CA GLY A 651 3.55 -22.73 10.33
C GLY A 651 3.19 -22.76 8.86
N LEU A 652 1.91 -22.51 8.56
CA LEU A 652 1.45 -22.45 7.18
C LEU A 652 2.07 -21.25 6.45
N ARG A 653 2.06 -20.09 7.10
CA ARG A 653 2.72 -18.91 6.53
C ARG A 653 4.16 -19.18 6.09
N TYR A 654 4.94 -19.83 6.97
CA TYR A 654 6.34 -20.06 6.64
C TYR A 654 6.50 -21.04 5.49
N GLN A 655 5.64 -22.05 5.44
CA GLN A 655 5.62 -22.94 4.28
C GLN A 655 5.30 -22.14 3.01
N LEU A 656 4.49 -21.11 3.16
CA LEU A 656 4.14 -20.22 2.05
C LEU A 656 5.12 -19.09 1.76
N LEU A 657 6.26 -19.05 2.44
CA LEU A 657 7.25 -17.98 2.21
C LEU A 657 7.69 -17.87 0.74
N PRO A 658 7.98 -19.00 0.05
CA PRO A 658 8.39 -18.87 -1.36
C PRO A 658 7.28 -18.27 -2.22
N TYR A 659 6.04 -18.44 -1.78
CA TYR A 659 4.87 -17.95 -2.49
C TYR A 659 4.73 -16.45 -2.26
N TYR A 660 4.76 -16.02 -1.01
CA TYR A 660 4.81 -14.59 -0.68
C TYR A 660 5.92 -13.82 -1.39
N TYR A 661 7.10 -14.43 -1.45
CA TYR A 661 8.25 -13.75 -2.03
C TYR A 661 8.03 -13.56 -3.53
N THR A 662 7.48 -14.58 -4.18
CA THR A 662 7.11 -14.50 -5.60
C THR A 662 6.06 -13.41 -5.85
N LEU A 663 5.09 -13.30 -4.94
CA LEU A 663 4.06 -12.28 -5.08
C LEU A 663 4.66 -10.89 -4.94
N MET A 664 5.65 -10.76 -4.07
CA MET A 664 6.39 -9.53 -3.87
C MET A 664 7.12 -9.17 -5.15
N TYR A 665 7.69 -10.18 -5.79
CA TYR A 665 8.33 -10.03 -7.09
C TYR A 665 7.32 -9.54 -8.13
N ASP A 666 6.14 -10.16 -8.17
CA ASP A 666 5.08 -9.76 -9.08
C ASP A 666 4.67 -8.30 -8.87
N ALA A 667 4.62 -7.89 -7.60
CA ALA A 667 4.23 -6.52 -7.26
C ALA A 667 5.23 -5.49 -7.76
N ASN A 668 6.51 -5.80 -7.62
CA ASN A 668 7.55 -4.88 -8.10
C ASN A 668 7.53 -4.79 -9.63
N LEU A 669 7.20 -5.91 -10.26
CA LEU A 669 7.17 -6.01 -11.72
C LEU A 669 5.98 -5.31 -12.39
N ARG A 670 4.79 -5.49 -11.82
CA ARG A 670 3.54 -5.16 -12.48
C ARG A 670 2.60 -4.38 -11.58
N GLY A 671 3.00 -4.18 -10.32
CA GLY A 671 2.19 -3.43 -9.38
C GLY A 671 1.11 -4.24 -8.70
N ILE A 672 0.98 -5.51 -9.06
CA ILE A 672 -0.11 -6.34 -8.54
C ILE A 672 0.09 -6.66 -7.06
N PRO A 673 -0.94 -6.39 -6.23
CA PRO A 673 -0.80 -6.55 -4.78
C PRO A 673 -0.65 -8.00 -4.31
N ILE A 674 0.01 -8.19 -3.17
CA ILE A 674 0.11 -9.51 -2.56
C ILE A 674 -1.23 -9.95 -1.97
N ALA A 675 -1.78 -9.10 -1.10
CA ALA A 675 -3.12 -9.32 -0.57
C ALA A 675 -4.10 -8.52 -1.40
N ARG A 676 -4.96 -9.23 -2.12
CA ARG A 676 -5.77 -8.58 -3.12
C ARG A 676 -7.25 -8.95 -2.94
N PRO A 677 -8.17 -8.11 -3.43
CA PRO A 677 -9.61 -8.38 -3.36
C PRO A 677 -10.02 -9.58 -4.20
N LEU A 678 -11.06 -10.27 -3.80
CA LEU A 678 -11.59 -11.37 -4.61
C LEU A 678 -11.89 -10.98 -6.06
N PHE A 679 -12.38 -9.77 -6.31
CA PHE A 679 -12.74 -9.40 -7.68
C PHE A 679 -11.50 -9.22 -8.59
N PHE A 680 -10.31 -9.25 -8.01
CA PHE A 680 -9.11 -9.24 -8.84
C PHE A 680 -8.96 -10.55 -9.62
N THR A 681 -9.30 -11.67 -8.99
CA THR A 681 -9.27 -12.96 -9.66
C THR A 681 -10.61 -13.26 -10.33
N PHE A 682 -11.69 -12.77 -9.73
CA PHE A 682 -13.06 -13.04 -10.19
C PHE A 682 -13.86 -11.78 -10.51
N PRO A 683 -13.38 -10.94 -11.44
CA PRO A 683 -14.05 -9.67 -11.73
C PRO A 683 -15.43 -9.81 -12.36
N ASP A 684 -15.76 -10.98 -12.92
CA ASP A 684 -17.08 -11.18 -13.51
C ASP A 684 -18.16 -11.53 -12.49
N ASP A 685 -17.76 -11.71 -11.23
CA ASP A 685 -18.71 -12.11 -10.19
C ASP A 685 -18.97 -10.86 -9.35
N VAL A 686 -20.09 -10.18 -9.64
CA VAL A 686 -20.44 -8.93 -8.96
C VAL A 686 -20.62 -9.06 -7.45
N ALA A 687 -20.95 -10.27 -7.00
CA ALA A 687 -21.11 -10.55 -5.58
C ALA A 687 -19.82 -10.29 -4.80
N THR A 688 -18.68 -10.36 -5.48
CA THR A 688 -17.40 -10.18 -4.81
C THR A 688 -17.05 -8.72 -4.58
N TYR A 689 -17.77 -7.81 -5.24
CA TYR A 689 -17.36 -6.40 -5.22
C TYR A 689 -17.52 -5.81 -3.82
N GLY A 690 -18.53 -6.27 -3.10
CA GLY A 690 -18.84 -5.75 -1.77
C GLY A 690 -18.31 -6.59 -0.62
N ILE A 691 -17.45 -7.57 -0.92
CA ILE A 691 -16.85 -8.39 0.13
C ILE A 691 -15.78 -7.59 0.89
N SER A 692 -15.89 -7.59 2.21
CA SER A 692 -14.96 -6.85 3.07
C SER A 692 -14.33 -7.70 4.19
N SER A 693 -14.65 -8.99 4.23
CA SER A 693 -14.19 -9.83 5.33
C SER A 693 -13.51 -11.09 4.81
N GLN A 694 -13.19 -11.08 3.54
CA GLN A 694 -12.37 -12.12 2.93
C GLN A 694 -11.39 -11.47 1.97
N PHE A 695 -10.30 -12.15 1.67
CA PHE A 695 -9.31 -11.60 0.76
C PHE A 695 -8.51 -12.74 0.15
N LEU A 696 -7.80 -12.44 -0.93
CA LEU A 696 -6.93 -13.41 -1.54
C LEU A 696 -5.48 -13.14 -1.20
N ILE A 697 -4.69 -14.19 -1.08
CA ILE A 697 -3.24 -14.04 -1.13
C ILE A 697 -2.81 -14.59 -2.48
N GLY A 698 -2.33 -13.70 -3.34
CA GLY A 698 -2.06 -14.03 -4.73
C GLY A 698 -3.34 -14.37 -5.47
N ARG A 699 -3.20 -15.13 -6.55
CA ARG A 699 -4.34 -15.37 -7.44
C ARG A 699 -5.40 -16.30 -6.84
N GLY A 700 -4.98 -17.41 -6.22
CA GLY A 700 -5.92 -18.49 -5.92
C GLY A 700 -6.03 -19.02 -4.50
N ILE A 701 -5.44 -18.32 -3.54
CA ILE A 701 -5.61 -18.70 -2.13
C ILE A 701 -6.51 -17.69 -1.42
N MET A 702 -7.55 -18.19 -0.75
CA MET A 702 -8.53 -17.33 -0.08
C MET A 702 -8.56 -17.53 1.43
N VAL A 703 -8.56 -16.42 2.18
CA VAL A 703 -8.63 -16.46 3.64
C VAL A 703 -9.98 -16.00 4.19
N SER A 704 -10.59 -16.81 5.05
CA SER A 704 -11.94 -16.52 5.55
C SER A 704 -12.03 -16.56 7.07
N PRO A 705 -11.59 -15.48 7.74
CA PRO A 705 -11.44 -15.45 9.20
C PRO A 705 -12.77 -15.29 9.93
N VAL A 706 -12.83 -15.78 11.18
CA VAL A 706 -13.88 -15.40 12.12
C VAL A 706 -13.56 -14.01 12.69
N LEU A 707 -14.55 -13.13 12.77
CA LEU A 707 -14.31 -11.75 13.15
C LEU A 707 -15.27 -11.29 14.25
N GLN A 708 -15.88 -12.26 14.92
CA GLN A 708 -16.83 -11.98 16.00
C GLN A 708 -16.55 -12.92 17.18
N PRO A 709 -16.69 -12.40 18.41
CA PRO A 709 -16.51 -13.23 19.60
C PRO A 709 -17.52 -14.37 19.77
N GLY A 710 -17.02 -15.49 20.28
CA GLY A 710 -17.84 -16.63 20.65
C GLY A 710 -18.27 -17.49 19.48
N ALA A 711 -17.90 -17.08 18.28
CA ALA A 711 -18.29 -17.79 17.06
C ALA A 711 -17.40 -19.01 16.80
N VAL A 712 -18.01 -20.08 16.31
CA VAL A 712 -17.29 -21.28 15.89
C VAL A 712 -17.65 -21.66 14.45
N SER A 713 -18.17 -20.70 13.69
CA SER A 713 -18.42 -20.90 12.26
C SER A 713 -18.36 -19.57 11.52
N VAL A 714 -18.24 -19.65 10.21
CA VAL A 714 -18.28 -18.44 9.39
C VAL A 714 -19.00 -18.58 8.04
N ASN A 715 -19.87 -17.63 7.75
CA ASN A 715 -20.55 -17.60 6.46
C ASN A 715 -19.65 -16.90 5.45
N ALA A 716 -19.11 -17.67 4.51
CA ALA A 716 -18.03 -17.19 3.65
C ALA A 716 -18.47 -17.32 2.20
N TYR A 717 -18.19 -16.30 1.39
CA TYR A 717 -18.53 -16.38 -0.01
C TYR A 717 -17.50 -17.22 -0.76
N PHE A 718 -17.97 -18.18 -1.56
CA PHE A 718 -17.07 -18.93 -2.42
C PHE A 718 -17.44 -18.67 -3.87
N PRO A 719 -16.51 -18.06 -4.63
CA PRO A 719 -16.69 -17.99 -6.09
C PRO A 719 -16.77 -19.36 -6.73
N ARG A 720 -17.35 -19.41 -7.93
CA ARG A 720 -17.56 -20.64 -8.68
C ARG A 720 -16.33 -21.54 -8.71
N GLY A 721 -16.57 -22.83 -8.49
CA GLY A 721 -15.54 -23.84 -8.70
C GLY A 721 -15.15 -24.61 -7.46
N ASN A 722 -13.97 -25.23 -7.49
CA ASN A 722 -13.53 -26.11 -6.42
C ASN A 722 -12.47 -25.49 -5.51
N TRP A 723 -12.64 -25.63 -4.20
CA TRP A 723 -11.74 -25.01 -3.24
C TRP A 723 -11.28 -26.02 -2.21
N PHE A 724 -9.99 -26.03 -1.89
CA PHE A 724 -9.44 -27.05 -1.01
C PHE A 724 -8.76 -26.43 0.20
N SER A 725 -9.05 -26.93 1.39
CA SER A 725 -8.41 -26.42 2.59
C SER A 725 -6.91 -26.69 2.57
N LEU A 726 -6.12 -25.66 2.79
CA LEU A 726 -4.68 -25.81 2.89
C LEU A 726 -4.27 -26.52 4.18
N PHE A 727 -5.21 -26.60 5.12
CA PHE A 727 -4.96 -27.27 6.39
C PHE A 727 -5.38 -28.74 6.36
N ASN A 728 -6.20 -29.10 5.38
CA ASN A 728 -6.67 -30.47 5.25
C ASN A 728 -7.18 -30.66 3.83
N TYR A 729 -6.37 -31.31 3.00
CA TYR A 729 -6.66 -31.40 1.57
C TYR A 729 -7.92 -32.22 1.27
N THR A 730 -8.36 -33.01 2.24
CA THR A 730 -9.59 -33.76 2.11
C THR A 730 -10.81 -32.86 2.25
N SER A 731 -10.61 -31.69 2.84
CA SER A 731 -11.69 -30.77 3.09
C SER A 731 -11.81 -29.80 1.93
N SER A 732 -12.97 -29.81 1.29
CA SER A 732 -13.14 -28.98 0.11
C SER A 732 -14.52 -28.37 -0.01
N VAL A 733 -14.61 -27.37 -0.89
CA VAL A 733 -15.87 -26.73 -1.19
C VAL A 733 -16.04 -26.75 -2.70
N SER A 734 -17.21 -27.16 -3.16
CA SER A 734 -17.53 -27.13 -4.58
C SER A 734 -18.86 -26.48 -4.85
N VAL A 735 -18.88 -25.43 -5.68
CA VAL A 735 -20.16 -24.85 -6.03
C VAL A 735 -20.18 -24.69 -7.55
N SER A 736 -21.38 -24.75 -8.13
CA SER A 736 -21.58 -24.46 -9.55
C SER A 736 -21.82 -22.98 -9.84
N ALA A 737 -22.36 -22.29 -8.84
CA ALA A 737 -22.51 -20.84 -8.84
C ALA A 737 -22.01 -20.30 -7.51
N GLY A 738 -21.23 -19.22 -7.54
CA GLY A 738 -20.75 -18.67 -6.28
C GLY A 738 -21.86 -18.43 -5.27
N THR A 739 -21.57 -18.77 -4.02
CA THR A 739 -22.51 -18.56 -2.92
C THR A 739 -21.83 -18.51 -1.55
N TYR A 740 -22.60 -18.20 -0.52
CA TYR A 740 -22.07 -18.23 0.83
C TYR A 740 -22.12 -19.66 1.35
N VAL A 741 -21.08 -20.06 2.06
CA VAL A 741 -20.97 -21.38 2.63
C VAL A 741 -20.62 -21.24 4.12
N SER A 742 -21.33 -22.01 4.94
CA SER A 742 -21.12 -21.97 6.36
C SER A 742 -20.03 -22.92 6.86
N LEU A 743 -18.80 -22.42 6.88
CA LEU A 743 -17.59 -23.16 7.23
C LEU A 743 -17.47 -23.44 8.72
N SER A 744 -17.07 -24.64 9.08
CA SER A 744 -16.65 -24.93 10.47
C SER A 744 -15.43 -24.07 10.82
N ALA A 745 -15.42 -23.47 11.99
CA ALA A 745 -14.31 -22.59 12.39
C ALA A 745 -14.06 -22.65 13.90
N PRO A 746 -13.49 -23.77 14.38
CA PRO A 746 -13.23 -23.93 15.82
C PRO A 746 -12.24 -22.89 16.34
N PRO A 747 -12.12 -22.75 17.68
CA PRO A 747 -11.33 -21.64 18.21
C PRO A 747 -9.90 -21.56 17.69
N ASP A 748 -9.32 -22.71 17.36
CA ASP A 748 -7.92 -22.79 16.96
C ASP A 748 -7.73 -22.86 15.45
N HIS A 749 -8.80 -22.65 14.69
CA HIS A 749 -8.73 -22.85 13.25
C HIS A 749 -9.18 -21.60 12.51
N ILE A 750 -8.55 -21.36 11.36
CA ILE A 750 -9.02 -20.41 10.36
C ILE A 750 -9.15 -21.11 9.02
N ASN A 751 -10.18 -20.74 8.27
CA ASN A 751 -10.39 -21.30 6.95
C ASN A 751 -9.50 -20.61 5.92
N VAL A 752 -8.70 -21.43 5.25
CA VAL A 752 -7.84 -20.98 4.17
C VAL A 752 -7.92 -22.00 3.05
N HIS A 753 -8.33 -21.54 1.88
CA HIS A 753 -8.64 -22.44 0.78
C HIS A 753 -7.90 -22.03 -0.48
N ILE A 754 -7.58 -23.02 -1.30
CA ILE A 754 -6.96 -22.80 -2.60
C ILE A 754 -7.88 -23.20 -3.76
N HIS A 755 -7.95 -22.35 -4.77
CA HIS A 755 -8.84 -22.60 -5.89
C HIS A 755 -8.18 -23.48 -6.95
N GLU A 756 -9.03 -24.28 -7.61
CA GLU A 756 -8.63 -25.06 -8.79
C GLU A 756 -7.95 -24.18 -9.84
N GLY A 757 -6.99 -24.77 -10.55
CA GLY A 757 -6.30 -24.08 -11.62
C GLY A 757 -4.96 -23.50 -11.22
N ASN A 758 -4.55 -23.73 -9.96
CA ASN A 758 -3.35 -23.09 -9.44
C ASN A 758 -2.32 -24.09 -8.93
N ILE A 759 -1.06 -23.69 -9.05
CA ILE A 759 0.07 -24.46 -8.56
C ILE A 759 0.90 -23.58 -7.64
N VAL A 760 1.19 -24.09 -6.45
CA VAL A 760 1.96 -23.35 -5.46
C VAL A 760 3.11 -24.17 -4.93
N ALA A 761 4.30 -23.60 -5.01
CA ALA A 761 5.50 -24.21 -4.48
C ALA A 761 5.66 -23.80 -3.02
N MET A 762 5.80 -24.80 -2.16
CA MET A 762 5.94 -24.58 -0.73
C MET A 762 7.24 -25.17 -0.23
N GLN A 763 7.77 -24.60 0.85
CA GLN A 763 8.91 -25.19 1.54
C GLN A 763 8.46 -25.62 2.94
N GLY A 764 9.40 -26.09 3.76
CA GLY A 764 9.03 -26.60 5.06
C GLY A 764 8.94 -25.53 6.13
N GLU A 765 8.31 -25.89 7.25
CA GLU A 765 8.28 -25.03 8.43
C GLU A 765 9.67 -24.92 9.05
N ALA A 766 9.93 -23.79 9.69
CA ALA A 766 11.16 -23.56 10.42
C ALA A 766 11.01 -22.35 11.35
N MET A 767 11.97 -22.17 12.24
CA MET A 767 11.91 -21.08 13.20
C MET A 767 12.32 -19.74 12.60
N THR A 768 13.11 -19.79 11.53
CA THR A 768 13.56 -18.58 10.85
C THR A 768 13.39 -18.72 9.35
N THR A 769 13.29 -17.59 8.65
CA THR A 769 13.11 -17.61 7.21
C THR A 769 14.35 -18.17 6.54
N GLN A 770 15.52 -17.94 7.13
CA GLN A 770 16.77 -18.47 6.60
C GLN A 770 16.77 -20.00 6.62
N ALA A 771 16.29 -20.56 7.73
CA ALA A 771 16.19 -22.01 7.90
C ALA A 771 15.17 -22.66 6.98
N ALA A 772 14.05 -21.98 6.76
CA ALA A 772 13.00 -22.46 5.87
C ALA A 772 13.50 -22.67 4.45
N ARG A 773 14.37 -21.78 3.99
CA ARG A 773 14.88 -21.84 2.63
C ARG A 773 15.80 -23.05 2.41
N SER A 774 16.23 -23.69 3.49
CA SER A 774 17.09 -24.87 3.40
C SER A 774 16.29 -26.16 3.42
N THR A 775 14.97 -26.04 3.42
CA THR A 775 14.12 -27.21 3.47
C THR A 775 13.77 -27.65 2.04
N PRO A 776 13.23 -28.86 1.88
CA PRO A 776 12.84 -29.30 0.53
C PRO A 776 11.58 -28.57 0.03
N PHE A 777 11.43 -28.44 -1.28
CA PHE A 777 10.17 -27.96 -1.85
C PHE A 777 9.12 -29.04 -1.95
N HIS A 778 7.89 -28.64 -1.66
CA HIS A 778 6.73 -29.47 -1.88
C HIS A 778 5.84 -28.73 -2.85
N LEU A 779 5.48 -29.38 -3.95
CA LEU A 779 4.66 -28.71 -4.95
C LEU A 779 3.20 -29.05 -4.70
N LEU A 780 2.35 -28.02 -4.63
CA LEU A 780 0.92 -28.25 -4.54
C LEU A 780 0.22 -27.96 -5.84
N VAL A 781 -0.35 -28.99 -6.44
CA VAL A 781 -0.98 -28.85 -7.75
C VAL A 781 -2.49 -29.05 -7.62
N VAL A 782 -3.26 -28.02 -7.95
CA VAL A 782 -4.70 -28.14 -7.86
C VAL A 782 -5.29 -28.11 -9.27
N MET A 783 -5.78 -29.27 -9.71
CA MET A 783 -6.30 -29.44 -11.07
C MET A 783 -7.69 -28.85 -11.32
N SER A 784 -7.94 -28.49 -12.58
CA SER A 784 -9.26 -28.06 -13.00
C SER A 784 -9.71 -28.79 -14.27
N ASP A 785 -10.97 -29.18 -14.33
CA ASP A 785 -11.53 -29.77 -15.54
C ASP A 785 -11.53 -28.73 -16.67
N HIS A 786 -11.49 -27.44 -16.32
CA HIS A 786 -11.77 -26.38 -17.29
C HIS A 786 -10.51 -25.68 -17.78
N VAL A 787 -9.41 -25.77 -17.03
CA VAL A 787 -8.24 -25.04 -17.48
C VAL A 787 -6.99 -25.76 -17.00
N ALA A 788 -5.89 -25.64 -17.75
CA ALA A 788 -4.63 -26.14 -17.27
C ALA A 788 -4.29 -25.35 -16.01
N SER A 789 -3.56 -25.96 -15.09
CA SER A 789 -3.15 -25.28 -13.87
C SER A 789 -1.76 -24.68 -14.05
N THR A 790 -1.56 -23.51 -13.46
CA THR A 790 -0.28 -22.83 -13.58
C THR A 790 0.12 -22.22 -12.25
N GLY A 791 1.42 -21.94 -12.12
CA GLY A 791 1.94 -21.25 -10.96
C GLY A 791 3.34 -20.75 -11.26
N GLU A 792 3.90 -20.00 -10.33
CA GLU A 792 5.14 -19.31 -10.58
C GLU A 792 5.97 -19.26 -9.30
N LEU A 793 7.28 -19.26 -9.46
CA LEU A 793 8.19 -19.19 -8.31
C LEU A 793 9.39 -18.35 -8.67
N PHE A 794 9.59 -17.28 -7.92
CA PHE A 794 10.75 -16.43 -8.10
C PHE A 794 11.77 -16.69 -6.99
N LEU A 795 13.02 -16.82 -7.40
CA LEU A 795 14.10 -17.13 -6.47
C LEU A 795 15.27 -16.18 -6.67
N ASP A 796 15.76 -15.60 -5.58
CA ASP A 796 17.05 -14.93 -5.64
C ASP A 796 17.77 -15.06 -4.31
N ASN A 797 18.82 -14.27 -4.13
CA ASN A 797 19.60 -14.38 -2.92
C ASN A 797 19.04 -13.67 -1.69
N GLY A 798 17.85 -13.11 -1.84
CA GLY A 798 17.13 -12.48 -0.75
C GLY A 798 17.51 -11.03 -0.50
N ILE A 799 18.60 -10.58 -1.12
CA ILE A 799 19.12 -9.25 -0.82
C ILE A 799 19.69 -8.48 -2.02
N GLU A 800 19.56 -9.02 -3.23
CA GLU A 800 20.04 -8.31 -4.42
C GLU A 800 19.33 -6.95 -4.45
N MET A 801 20.07 -5.88 -4.71
CA MET A 801 19.48 -4.54 -4.72
C MET A 801 18.37 -4.37 -5.77
N ASP A 802 18.65 -4.83 -6.98
CA ASP A 802 17.74 -4.71 -8.11
C ASP A 802 17.12 -6.06 -8.46
N ILE A 803 15.93 -6.29 -7.93
CA ILE A 803 15.25 -7.58 -8.04
C ILE A 803 14.97 -7.93 -9.50
N GLY A 804 15.36 -9.15 -9.86
CA GLY A 804 15.19 -9.70 -11.20
C GLY A 804 15.94 -8.92 -12.27
N GLY A 805 17.04 -8.29 -11.85
CA GLY A 805 17.83 -7.44 -12.72
C GLY A 805 18.88 -8.19 -13.52
N PRO A 806 19.64 -7.47 -14.35
CA PRO A 806 20.64 -7.99 -15.31
C PRO A 806 21.80 -8.75 -14.65
N GLY A 807 21.97 -8.59 -13.35
CA GLY A 807 23.03 -9.25 -12.60
C GLY A 807 22.99 -10.78 -12.53
N GLY A 808 21.79 -11.33 -12.66
CA GLY A 808 21.62 -12.75 -12.84
C GLY A 808 21.65 -13.55 -11.54
N LYS A 809 21.61 -12.88 -10.40
CA LYS A 809 21.59 -13.62 -9.15
C LYS A 809 20.14 -13.99 -8.84
N TRP A 810 19.46 -14.67 -9.75
CA TRP A 810 18.05 -14.99 -9.55
C TRP A 810 17.59 -16.07 -10.52
N THR A 811 16.51 -16.75 -10.17
CA THR A 811 15.93 -17.77 -11.06
C THR A 811 14.41 -17.58 -11.10
N LEU A 812 13.80 -17.78 -12.26
CA LEU A 812 12.34 -17.78 -12.36
C LEU A 812 11.85 -19.12 -12.89
N VAL A 813 10.95 -19.75 -12.14
CA VAL A 813 10.39 -21.03 -12.51
C VAL A 813 8.90 -20.85 -12.78
N ARG A 814 8.42 -21.42 -13.89
CA ARG A 814 6.99 -21.45 -14.17
C ARG A 814 6.51 -22.90 -14.17
N PHE A 815 5.39 -23.16 -13.52
CA PHE A 815 4.87 -24.52 -13.46
C PHE A 815 3.59 -24.68 -14.30
N PHE A 816 3.38 -25.87 -14.83
CA PHE A 816 2.24 -26.15 -15.70
C PHE A 816 1.76 -27.57 -15.48
N ALA A 817 0.44 -27.74 -15.40
CA ALA A 817 -0.15 -29.06 -15.25
C ALA A 817 -1.45 -29.24 -16.03
N GLU A 818 -1.57 -30.36 -16.74
CA GLU A 818 -2.81 -30.62 -17.46
C GLU A 818 -3.22 -32.09 -17.52
N SER A 819 -4.50 -32.37 -17.30
CA SER A 819 -5.01 -33.72 -17.47
C SER A 819 -5.45 -34.04 -18.90
N GLY A 820 -5.08 -35.22 -19.37
CA GLY A 820 -5.65 -35.79 -20.58
C GLY A 820 -6.62 -36.87 -20.15
N ILE A 821 -7.16 -37.62 -21.11
CA ILE A 821 -8.15 -38.64 -20.80
C ILE A 821 -7.46 -39.79 -20.05
N ASN A 822 -6.19 -40.04 -20.38
CA ASN A 822 -5.46 -41.15 -19.77
C ASN A 822 -4.10 -40.82 -19.17
N ASN A 823 -3.77 -39.54 -19.07
CA ASN A 823 -2.46 -39.20 -18.53
C ASN A 823 -2.57 -37.85 -17.84
N LEU A 824 -1.49 -37.41 -17.19
CA LEU A 824 -1.48 -36.10 -16.56
C LEU A 824 -0.06 -35.58 -16.66
N THR A 825 0.14 -34.37 -17.16
CA THR A 825 1.50 -33.83 -17.26
C THR A 825 1.76 -32.64 -16.35
N ILE A 826 2.84 -32.73 -15.60
CA ILE A 826 3.31 -31.63 -14.77
C ILE A 826 4.69 -31.28 -15.27
N SER A 827 4.95 -29.99 -15.48
CA SER A 827 6.23 -29.58 -16.02
C SER A 827 6.66 -28.22 -15.48
N SER A 828 7.92 -27.89 -15.71
CA SER A 828 8.44 -26.56 -15.40
C SER A 828 9.27 -25.99 -16.54
N GLU A 829 9.37 -24.67 -16.55
CA GLU A 829 10.26 -23.94 -17.43
C GLU A 829 11.10 -23.02 -16.58
N VAL A 830 12.40 -22.91 -16.87
CA VAL A 830 13.28 -22.20 -15.95
C VAL A 830 14.01 -21.12 -16.72
N VAL A 831 13.96 -19.90 -16.20
CA VAL A 831 14.77 -18.79 -16.70
C VAL A 831 15.93 -18.50 -15.77
N ASN A 832 17.15 -18.44 -16.30
CA ASN A 832 18.33 -18.18 -15.48
C ASN A 832 18.54 -19.30 -14.48
N ARG A 833 18.78 -20.52 -14.97
CA ARG A 833 18.88 -21.71 -14.13
C ARG A 833 19.98 -21.66 -13.07
N GLY A 834 21.03 -20.91 -13.34
CA GLY A 834 22.19 -20.87 -12.48
C GLY A 834 22.06 -20.60 -10.99
N TYR A 835 21.38 -19.52 -10.61
CA TYR A 835 21.31 -19.17 -9.20
C TYR A 835 20.66 -20.32 -8.40
N ALA A 836 19.45 -20.71 -8.79
CA ALA A 836 18.72 -21.81 -8.15
C ALA A 836 19.51 -23.11 -8.05
N MET A 837 20.24 -23.46 -9.11
CA MET A 837 21.06 -24.66 -9.08
C MET A 837 22.10 -24.57 -7.97
N SER A 838 22.75 -23.40 -7.89
CA SER A 838 23.79 -23.17 -6.90
C SER A 838 23.25 -23.20 -5.48
N GLN A 839 21.95 -23.06 -5.32
CA GLN A 839 21.38 -23.10 -3.98
C GLN A 839 20.87 -24.48 -3.61
N ARG A 840 21.01 -25.44 -4.51
CA ARG A 840 20.73 -26.84 -4.20
C ARG A 840 19.27 -27.12 -3.88
N TRP A 841 18.34 -26.25 -4.29
CA TRP A 841 16.97 -26.51 -3.93
C TRP A 841 16.41 -27.74 -4.66
N VAL A 842 15.81 -28.63 -3.88
CA VAL A 842 15.26 -29.92 -4.34
C VAL A 842 13.76 -30.00 -4.14
N MET A 843 13.01 -30.43 -5.14
CA MET A 843 11.62 -30.80 -4.93
C MET A 843 11.42 -32.32 -4.78
N ASP A 844 10.92 -32.74 -3.62
CA ASP A 844 10.85 -34.16 -3.26
C ASP A 844 9.40 -34.69 -3.26
N LYS A 845 8.41 -33.82 -3.30
CA LYS A 845 7.04 -34.29 -3.21
C LYS A 845 6.11 -33.34 -3.98
N ILE A 846 5.13 -33.95 -4.63
CA ILE A 846 4.02 -33.28 -5.28
C ILE A 846 2.69 -33.83 -4.79
N THR A 847 1.81 -32.93 -4.36
CA THR A 847 0.46 -33.33 -3.99
C THR A 847 -0.53 -32.79 -5.02
N ILE A 848 -1.41 -33.67 -5.48
CA ILE A 848 -2.36 -33.32 -6.53
C ILE A 848 -3.80 -33.36 -6.02
N LEU A 849 -4.43 -32.19 -6.02
CA LEU A 849 -5.83 -32.03 -5.64
C LEU A 849 -6.67 -31.76 -6.88
N GLY A 850 -7.99 -31.91 -6.73
CA GLY A 850 -8.88 -31.44 -7.77
C GLY A 850 -9.33 -32.48 -8.77
N LEU A 851 -8.82 -33.70 -8.65
CA LEU A 851 -9.25 -34.81 -9.50
C LEU A 851 -10.13 -35.79 -8.75
N LYS A 852 -10.89 -36.57 -9.51
CA LYS A 852 -11.73 -37.57 -8.89
C LYS A 852 -11.13 -38.95 -9.09
N ARG A 853 -9.95 -39.01 -9.71
CA ARG A 853 -9.20 -40.25 -9.84
C ARG A 853 -7.75 -40.07 -9.39
N ARG A 854 -7.19 -41.11 -8.77
CA ARG A 854 -5.80 -41.05 -8.32
C ARG A 854 -4.84 -41.20 -9.50
N VAL A 855 -3.67 -40.58 -9.38
CA VAL A 855 -2.62 -40.70 -10.39
C VAL A 855 -1.31 -41.17 -9.77
N ARG A 856 -0.45 -41.78 -10.58
CA ARG A 856 0.83 -42.30 -10.13
C ARG A 856 1.81 -42.28 -11.31
N ILE A 857 3.10 -42.42 -11.02
CA ILE A 857 4.11 -42.53 -12.07
C ILE A 857 3.97 -43.85 -12.82
N LYS A 858 4.37 -43.83 -14.09
CA LYS A 858 4.34 -45.00 -14.96
C LYS A 858 5.25 -46.13 -14.50
N GLY A 885 -16.85 -37.95 -5.19
CA GLY A 885 -16.02 -36.96 -4.52
C GLY A 885 -14.61 -36.88 -5.06
N PHE A 886 -13.89 -35.87 -4.61
CA PHE A 886 -12.48 -35.64 -4.97
C PHE A 886 -11.54 -36.62 -4.27
N VAL A 887 -10.40 -36.91 -4.91
CA VAL A 887 -9.36 -37.72 -4.28
C VAL A 887 -8.07 -36.91 -4.15
N VAL A 888 -7.14 -37.40 -3.33
CA VAL A 888 -5.85 -36.75 -3.15
C VAL A 888 -4.73 -37.69 -3.58
N SER A 889 -3.88 -37.23 -4.50
CA SER A 889 -2.72 -38.00 -4.92
C SER A 889 -1.38 -37.39 -4.48
N VAL A 890 -0.47 -38.24 -4.02
CA VAL A 890 0.84 -37.80 -3.56
C VAL A 890 1.96 -38.59 -4.27
N ILE A 891 2.90 -37.86 -4.85
CA ILE A 891 4.08 -38.43 -5.50
C ILE A 891 5.36 -38.18 -4.68
N SER A 892 5.96 -39.24 -4.14
CA SER A 892 7.06 -39.09 -3.18
C SER A 892 8.44 -39.49 -3.73
N ASP A 893 9.46 -39.06 -2.98
CA ASP A 893 10.88 -39.40 -3.19
C ASP A 893 11.30 -39.01 -4.60
N LEU A 894 10.91 -37.80 -5.00
CA LEU A 894 11.22 -37.33 -6.34
C LEU A 894 12.65 -36.84 -6.55
N ARG A 895 13.21 -36.20 -5.52
CA ARG A 895 14.59 -35.75 -5.56
C ARG A 895 14.92 -34.84 -6.75
N GLN A 896 13.93 -34.16 -7.31
CA GLN A 896 14.25 -33.39 -8.50
C GLN A 896 14.87 -32.04 -8.12
N LEU A 897 15.71 -31.50 -8.99
CA LEU A 897 16.26 -30.18 -8.77
C LEU A 897 15.33 -29.09 -9.29
N VAL A 898 14.99 -28.13 -8.43
CA VAL A 898 14.17 -27.00 -8.83
C VAL A 898 14.77 -26.20 -10.00
N GLY A 899 16.09 -26.09 -10.03
CA GLY A 899 16.76 -25.35 -11.08
C GLY A 899 16.80 -26.01 -12.44
N GLN A 900 16.48 -27.31 -12.49
CA GLN A 900 16.45 -28.08 -13.71
C GLN A 900 15.03 -28.25 -14.27
N ALA A 901 14.72 -27.68 -15.43
CA ALA A 901 13.39 -27.89 -16.02
C ALA A 901 13.09 -29.39 -16.16
N PHE A 902 11.86 -29.77 -15.83
CA PHE A 902 11.38 -31.15 -15.85
C PHE A 902 10.05 -31.33 -16.58
N LYS A 903 9.75 -32.58 -16.94
CA LYS A 903 8.45 -33.00 -17.44
C LYS A 903 8.11 -34.33 -16.80
N LEU A 904 7.02 -34.34 -16.03
CA LEU A 904 6.64 -35.53 -15.28
C LEU A 904 5.33 -36.08 -15.81
N GLU A 905 5.39 -37.33 -16.25
CA GLU A 905 4.21 -38.01 -16.77
C GLU A 905 3.55 -38.95 -15.75
N LEU A 906 2.28 -38.70 -15.43
CA LEU A 906 1.52 -39.53 -14.49
C LEU A 906 0.37 -40.25 -15.20
N GLU A 907 -0.10 -41.39 -14.67
CA GLU A 907 -1.23 -42.07 -15.31
C GLU A 907 -2.39 -42.18 -14.32
N PHE A 908 -3.63 -42.27 -14.83
CA PHE A 908 -4.81 -42.48 -13.99
C PHE A 908 -5.01 -43.95 -13.61
N GLU A 909 -5.62 -44.17 -12.46
CA GLU A 909 -5.99 -45.53 -12.05
C GLU A 909 -7.46 -45.81 -12.36
#